data_3LXT
#
_entry.id   3LXT
#
_cell.length_a   57.681
_cell.length_b   57.887
_cell.length_c   265.772
_cell.angle_alpha   90.00
_cell.angle_beta   90.00
_cell.angle_gamma   90.00
#
_symmetry.space_group_name_H-M   'P 21 21 21'
#
loop_
_entity.id
_entity.type
_entity.pdbx_description
1 polymer 'Glutathione S Transferase'
2 non-polymer GLYCEROL
3 non-polymer 'CHLORIDE ION'
4 water water
#
_entity_poly.entity_id   1
_entity_poly.type   'polypeptide(L)'
_entity_poly.pdbx_seq_one_letter_code
;MSLKLIGMLDSPYVRRVAISLKSLGLPFEHHSLSVFSTFEQFKAINPVVKAPTLVCEGGEVLMDSSLIIDYLETLAGPQR
SLMPTALPQRLRELRLVGLALAACEKSVQIVYERNLRPAEKQHGPWLERVGGQLQAAYGELEQELQKQPLPRDGSLGQAG
ISLAVAWSFSQMMVADQFNPGQFPAVRGFAEYAEQLPVFLATPATEGHHHHHH
;
_entity_poly.pdbx_strand_id   A,B,C,D
#
# COMPACT_ATOMS: atom_id res chain seq x y z
N SER A 2 -13.56 -32.10 -22.73
CA SER A 2 -13.90 -32.15 -21.28
C SER A 2 -13.87 -30.76 -20.66
N LEU A 3 -14.77 -29.89 -21.12
CA LEU A 3 -14.85 -28.52 -20.59
C LEU A 3 -15.19 -28.57 -19.11
N LYS A 4 -14.60 -27.66 -18.34
CA LYS A 4 -14.86 -27.61 -16.91
C LYS A 4 -15.11 -26.17 -16.46
N LEU A 5 -16.26 -25.96 -15.82
CA LEU A 5 -16.63 -24.64 -15.32
C LEU A 5 -16.34 -24.64 -13.83
N ILE A 6 -15.48 -23.74 -13.39
CA ILE A 6 -15.13 -23.65 -11.98
C ILE A 6 -15.77 -22.43 -11.35
N GLY A 7 -16.56 -22.64 -10.30
CA GLY A 7 -17.21 -21.54 -9.62
C GLY A 7 -18.57 -21.89 -9.07
N MET A 8 -19.09 -21.05 -8.19
CA MET A 8 -20.40 -21.25 -7.58
C MET A 8 -21.46 -20.57 -8.42
N LEU A 9 -22.58 -21.27 -8.61
CA LEU A 9 -23.69 -20.74 -9.41
C LEU A 9 -24.41 -19.57 -8.74
N ASP A 10 -24.06 -19.26 -7.50
CA ASP A 10 -24.72 -18.14 -6.85
C ASP A 10 -24.06 -16.83 -7.31
N SER A 11 -23.03 -16.97 -8.15
CA SER A 11 -22.37 -15.81 -8.74
C SER A 11 -23.08 -15.65 -10.08
N PRO A 12 -23.53 -14.42 -10.41
CA PRO A 12 -24.22 -14.23 -11.69
C PRO A 12 -23.31 -14.50 -12.88
N TYR A 13 -22.04 -14.16 -12.72
CA TYR A 13 -21.06 -14.37 -13.78
C TYR A 13 -20.89 -15.87 -14.07
N VAL A 14 -20.82 -16.67 -13.02
CA VAL A 14 -20.68 -18.12 -13.18
C VAL A 14 -21.97 -18.68 -13.79
N ARG A 15 -23.10 -18.25 -13.26
CA ARG A 15 -24.38 -18.74 -13.74
C ARG A 15 -24.64 -18.41 -15.22
N ARG A 16 -24.32 -17.20 -15.65
CA ARG A 16 -24.56 -16.86 -17.04
C ARG A 16 -23.72 -17.73 -17.97
N VAL A 17 -22.54 -18.15 -17.51
CA VAL A 17 -21.70 -19.00 -18.36
C VAL A 17 -22.29 -20.42 -18.41
N ALA A 18 -22.78 -20.91 -17.27
CA ALA A 18 -23.39 -22.24 -17.20
C ALA A 18 -24.60 -22.35 -18.12
N ILE A 19 -25.50 -21.39 -18.01
CA ILE A 19 -26.71 -21.39 -18.83
C ILE A 19 -26.38 -21.18 -20.30
N SER A 20 -25.33 -20.41 -20.60
CA SER A 20 -24.93 -20.21 -22.00
C SER A 20 -24.36 -21.51 -22.57
N LEU A 21 -23.58 -22.21 -21.75
CA LEU A 21 -23.00 -23.50 -22.15
C LEU A 21 -24.12 -24.45 -22.54
N LYS A 22 -25.12 -24.56 -21.68
CA LYS A 22 -26.24 -25.43 -21.95
C LYS A 22 -27.07 -24.97 -23.14
N SER A 23 -27.28 -23.66 -23.25
CA SER A 23 -28.06 -23.15 -24.36
C SER A 23 -27.31 -23.35 -25.67
N LEU A 24 -25.98 -23.33 -25.60
CA LEU A 24 -25.14 -23.50 -26.79
C LEU A 24 -25.05 -24.97 -27.21
N GLY A 25 -25.39 -25.87 -26.29
CA GLY A 25 -25.33 -27.29 -26.59
C GLY A 25 -23.94 -27.86 -26.40
N LEU A 26 -23.20 -27.35 -25.41
CA LEU A 26 -21.83 -27.79 -25.13
C LEU A 26 -21.76 -28.49 -23.78
N PRO A 27 -21.41 -29.80 -23.77
CA PRO A 27 -21.31 -30.55 -22.52
C PRO A 27 -20.13 -30.07 -21.69
N PHE A 28 -20.28 -30.13 -20.36
CA PHE A 28 -19.24 -29.68 -19.46
C PHE A 28 -19.37 -30.25 -18.06
N GLU A 29 -18.29 -30.13 -17.30
CA GLU A 29 -18.25 -30.57 -15.90
C GLU A 29 -18.29 -29.31 -15.07
N HIS A 30 -19.12 -29.31 -14.03
CA HIS A 30 -19.21 -28.16 -13.16
C HIS A 30 -18.59 -28.44 -11.81
N HIS A 31 -17.59 -27.64 -11.44
CA HIS A 31 -16.92 -27.79 -10.16
C HIS A 31 -17.28 -26.60 -9.28
N SER A 32 -18.15 -26.85 -8.32
CA SER A 32 -18.61 -25.80 -7.41
C SER A 32 -17.58 -25.48 -6.35
N LEU A 33 -16.68 -24.55 -6.67
CA LEU A 33 -15.65 -24.13 -5.73
C LEU A 33 -15.80 -22.64 -5.51
N SER A 34 -15.75 -22.22 -4.25
CA SER A 34 -15.88 -20.82 -3.88
C SER A 34 -14.49 -20.18 -3.81
N VAL A 35 -14.40 -18.93 -4.23
CA VAL A 35 -13.14 -18.20 -4.20
C VAL A 35 -12.87 -17.68 -2.80
N PHE A 36 -13.77 -17.99 -1.88
CA PHE A 36 -13.63 -17.55 -0.50
C PHE A 36 -13.44 -18.70 0.47
N SER A 37 -14.32 -19.70 0.42
CA SER A 37 -14.24 -20.83 1.33
C SER A 37 -13.27 -21.92 0.87
N THR A 38 -12.94 -21.95 -0.42
CA THR A 38 -11.98 -22.94 -0.93
C THR A 38 -10.93 -22.23 -1.80
N PHE A 39 -10.31 -21.21 -1.23
CA PHE A 39 -9.28 -20.39 -1.89
C PHE A 39 -8.14 -21.19 -2.49
N GLU A 40 -7.53 -22.09 -1.70
CA GLU A 40 -6.40 -22.86 -2.22
C GLU A 40 -6.76 -23.82 -3.33
N GLN A 41 -7.86 -24.55 -3.17
CA GLN A 41 -8.27 -25.47 -4.22
C GLN A 41 -8.49 -24.65 -5.50
N PHE A 42 -9.11 -23.48 -5.37
CA PHE A 42 -9.37 -22.65 -6.54
C PHE A 42 -8.04 -22.20 -7.15
N LYS A 43 -7.18 -21.60 -6.33
CA LYS A 43 -5.88 -21.14 -6.79
C LYS A 43 -5.10 -22.21 -7.52
N ALA A 44 -5.23 -23.44 -7.07
CA ALA A 44 -4.54 -24.57 -7.67
C ALA A 44 -4.98 -24.81 -9.11
N ILE A 45 -6.14 -24.26 -9.47
CA ILE A 45 -6.67 -24.41 -10.82
C ILE A 45 -6.37 -23.13 -11.61
N ASN A 46 -6.58 -21.98 -10.96
CA ASN A 46 -6.33 -20.67 -11.53
C ASN A 46 -5.81 -19.78 -10.40
N PRO A 47 -4.50 -19.49 -10.39
CA PRO A 47 -3.89 -18.64 -9.35
C PRO A 47 -4.43 -17.22 -9.17
N VAL A 48 -5.13 -16.69 -10.17
CA VAL A 48 -5.68 -15.35 -10.05
C VAL A 48 -6.93 -15.42 -9.15
N VAL A 49 -7.46 -16.63 -9.01
CA VAL A 49 -8.63 -16.92 -8.20
C VAL A 49 -9.80 -16.00 -8.58
N LYS A 50 -10.31 -16.22 -9.78
CA LYS A 50 -11.43 -15.47 -10.33
C LYS A 50 -12.46 -16.45 -10.85
N ALA A 51 -13.71 -16.26 -10.44
CA ALA A 51 -14.81 -17.13 -10.86
C ALA A 51 -15.72 -16.30 -11.75
N PRO A 52 -16.22 -16.90 -12.85
CA PRO A 52 -15.98 -18.27 -13.32
C PRO A 52 -14.64 -18.45 -14.02
N THR A 53 -14.13 -19.67 -13.92
CA THR A 53 -12.90 -20.04 -14.61
C THR A 53 -13.30 -21.21 -15.50
N LEU A 54 -12.84 -21.20 -16.74
CA LEU A 54 -13.15 -22.27 -17.67
C LEU A 54 -11.86 -23.00 -18.00
N VAL A 55 -11.85 -24.32 -17.84
CA VAL A 55 -10.68 -25.11 -18.18
C VAL A 55 -11.06 -25.83 -19.46
N CYS A 56 -10.35 -25.54 -20.54
CA CYS A 56 -10.63 -26.14 -21.84
C CYS A 56 -10.10 -27.57 -21.92
N GLU A 57 -10.49 -28.28 -22.97
CA GLU A 57 -10.06 -29.66 -23.17
C GLU A 57 -8.55 -29.84 -23.01
N GLY A 58 -7.78 -28.98 -23.67
CA GLY A 58 -6.33 -29.05 -23.58
C GLY A 58 -5.76 -28.53 -22.28
N GLY A 59 -6.62 -28.06 -21.38
CA GLY A 59 -6.16 -27.56 -20.11
C GLY A 59 -5.95 -26.06 -20.03
N GLU A 60 -6.21 -25.35 -21.12
CA GLU A 60 -6.05 -23.90 -21.13
C GLU A 60 -7.06 -23.27 -20.17
N VAL A 61 -6.58 -22.39 -19.29
CA VAL A 61 -7.47 -21.76 -18.33
C VAL A 61 -7.92 -20.36 -18.78
N LEU A 62 -9.23 -20.14 -18.77
CA LEU A 62 -9.82 -18.86 -19.18
C LEU A 62 -10.66 -18.24 -18.07
N MET A 63 -10.67 -16.90 -18.04
CA MET A 63 -11.47 -16.15 -17.07
C MET A 63 -12.22 -14.99 -17.74
N ASP A 64 -13.11 -14.35 -16.98
CA ASP A 64 -13.97 -13.26 -17.45
C ASP A 64 -15.13 -13.90 -18.23
N SER A 65 -16.32 -13.83 -17.64
CA SER A 65 -17.50 -14.45 -18.26
C SER A 65 -17.72 -14.08 -19.74
N SER A 66 -17.49 -12.82 -20.09
CA SER A 66 -17.70 -12.43 -21.48
C SER A 66 -16.68 -13.07 -22.41
N LEU A 67 -15.41 -13.14 -22.00
CA LEU A 67 -14.38 -13.75 -22.85
C LEU A 67 -14.61 -15.26 -22.96
N ILE A 68 -15.05 -15.88 -21.87
CA ILE A 68 -15.35 -17.31 -21.85
C ILE A 68 -16.47 -17.62 -22.85
N ILE A 69 -17.52 -16.80 -22.82
CA ILE A 69 -18.65 -17.00 -23.72
C ILE A 69 -18.23 -16.78 -25.17
N ASP A 70 -17.35 -15.82 -25.41
CA ASP A 70 -16.83 -15.56 -26.75
C ASP A 70 -16.20 -16.87 -27.24
N TYR A 71 -15.41 -17.50 -26.36
CA TYR A 71 -14.75 -18.76 -26.71
C TYR A 71 -15.80 -19.83 -27.03
N LEU A 72 -16.78 -19.98 -26.14
CA LEU A 72 -17.82 -20.98 -26.33
C LEU A 72 -18.62 -20.75 -27.60
N GLU A 73 -18.83 -19.48 -27.95
CA GLU A 73 -19.56 -19.16 -29.17
C GLU A 73 -18.76 -19.68 -30.36
N THR A 74 -17.46 -19.50 -30.29
CA THR A 74 -16.56 -19.95 -31.34
C THR A 74 -16.55 -21.46 -31.44
N LEU A 75 -16.59 -22.11 -30.29
CA LEU A 75 -16.58 -23.57 -30.22
C LEU A 75 -17.89 -24.16 -30.77
N ALA A 76 -19.00 -23.48 -30.52
CA ALA A 76 -20.32 -23.95 -30.97
C ALA A 76 -20.66 -23.69 -32.43
N GLY A 77 -20.12 -22.61 -32.99
CA GLY A 77 -20.40 -22.28 -34.37
C GLY A 77 -21.54 -21.30 -34.54
N PRO A 78 -21.61 -20.61 -35.70
CA PRO A 78 -22.63 -19.62 -36.05
C PRO A 78 -24.10 -20.00 -35.83
N GLN A 79 -24.48 -21.19 -36.26
CA GLN A 79 -25.86 -21.63 -36.13
C GLN A 79 -26.37 -21.69 -34.69
N ARG A 80 -25.47 -21.99 -33.75
CA ARG A 80 -25.82 -22.11 -32.33
C ARG A 80 -25.73 -20.81 -31.53
N SER A 81 -25.19 -19.76 -32.14
CA SER A 81 -25.00 -18.47 -31.48
C SER A 81 -26.18 -17.95 -30.66
N LEU A 82 -25.86 -17.31 -29.54
CA LEU A 82 -26.87 -16.73 -28.65
C LEU A 82 -26.93 -15.23 -28.93
N MET A 83 -26.22 -14.81 -29.96
CA MET A 83 -26.15 -13.40 -30.35
C MET A 83 -26.65 -13.18 -31.77
N PRO A 84 -27.31 -12.04 -32.02
CA PRO A 84 -27.77 -11.79 -33.39
C PRO A 84 -26.52 -11.39 -34.16
N THR A 85 -26.47 -11.69 -35.45
CA THR A 85 -25.31 -11.27 -36.23
C THR A 85 -25.59 -9.94 -36.93
N ALA A 86 -26.86 -9.66 -37.21
CA ALA A 86 -27.22 -8.39 -37.85
C ALA A 86 -26.81 -7.23 -36.93
N LEU A 87 -26.09 -6.26 -37.48
CA LEU A 87 -25.60 -5.10 -36.71
C LEU A 87 -26.59 -4.38 -35.78
N PRO A 88 -27.71 -3.87 -36.31
CA PRO A 88 -28.63 -3.19 -35.39
C PRO A 88 -29.15 -4.08 -34.26
N GLN A 89 -29.53 -5.32 -34.58
CA GLN A 89 -30.02 -6.22 -33.57
C GLN A 89 -28.90 -6.61 -32.60
N ARG A 90 -27.68 -6.77 -33.12
CA ARG A 90 -26.56 -7.14 -32.25
C ARG A 90 -26.24 -5.98 -31.32
N LEU A 91 -26.40 -4.76 -31.82
CA LEU A 91 -26.16 -3.56 -31.03
C LEU A 91 -27.11 -3.55 -29.85
N ARG A 92 -28.40 -3.75 -30.11
CA ARG A 92 -29.38 -3.78 -29.04
C ARG A 92 -29.03 -4.86 -28.03
N GLU A 93 -28.62 -6.03 -28.52
CA GLU A 93 -28.28 -7.13 -27.63
C GLU A 93 -27.09 -6.77 -26.72
N LEU A 94 -26.08 -6.12 -27.29
CA LEU A 94 -24.90 -5.75 -26.51
C LEU A 94 -25.24 -4.70 -25.45
N ARG A 95 -26.20 -3.83 -25.74
CA ARG A 95 -26.61 -2.81 -24.77
C ARG A 95 -27.32 -3.49 -23.60
N LEU A 96 -28.24 -4.41 -23.91
CA LEU A 96 -28.97 -5.12 -22.87
C LEU A 96 -27.99 -5.91 -22.00
N VAL A 97 -27.06 -6.64 -22.62
CA VAL A 97 -26.11 -7.41 -21.85
C VAL A 97 -25.25 -6.48 -20.98
N GLY A 98 -24.83 -5.37 -21.57
CA GLY A 98 -24.02 -4.42 -20.83
C GLY A 98 -24.73 -3.88 -19.60
N LEU A 99 -26.02 -3.55 -19.75
CA LEU A 99 -26.79 -3.03 -18.64
C LEU A 99 -26.95 -4.11 -17.57
N ALA A 100 -27.19 -5.34 -18.01
CA ALA A 100 -27.36 -6.45 -17.09
C ALA A 100 -26.05 -6.69 -16.34
N LEU A 101 -24.92 -6.66 -17.03
CA LEU A 101 -23.63 -6.86 -16.37
C LEU A 101 -23.33 -5.71 -15.41
N ALA A 102 -23.78 -4.51 -15.76
CA ALA A 102 -23.58 -3.34 -14.89
C ALA A 102 -24.36 -3.57 -13.61
N ALA A 103 -25.57 -4.10 -13.76
CA ALA A 103 -26.43 -4.39 -12.61
C ALA A 103 -25.74 -5.43 -11.73
N CYS A 104 -25.11 -6.42 -12.36
CA CYS A 104 -24.42 -7.45 -11.59
C CYS A 104 -23.24 -6.82 -10.84
N GLU A 105 -22.45 -6.03 -11.55
CA GLU A 105 -21.29 -5.37 -10.96
C GLU A 105 -21.67 -4.55 -9.71
N LYS A 106 -22.69 -3.72 -9.84
CA LYS A 106 -23.11 -2.88 -8.72
C LYS A 106 -23.68 -3.72 -7.58
N SER A 107 -24.37 -4.80 -7.93
CA SER A 107 -24.93 -5.67 -6.90
C SER A 107 -23.78 -6.32 -6.13
N VAL A 108 -22.77 -6.82 -6.85
CA VAL A 108 -21.62 -7.44 -6.21
C VAL A 108 -20.84 -6.42 -5.38
N GLN A 109 -20.77 -5.18 -5.85
CA GLN A 109 -20.04 -4.17 -5.11
C GLN A 109 -20.71 -3.88 -3.77
N ILE A 110 -22.03 -3.86 -3.78
CA ILE A 110 -22.78 -3.61 -2.55
C ILE A 110 -22.57 -4.78 -1.60
N VAL A 111 -22.58 -5.99 -2.13
CA VAL A 111 -22.39 -7.18 -1.32
C VAL A 111 -20.99 -7.20 -0.68
N TYR A 112 -19.98 -6.90 -1.48
CA TYR A 112 -18.60 -6.87 -0.99
C TYR A 112 -18.39 -5.80 0.08
N GLU A 113 -18.99 -4.64 -0.13
CA GLU A 113 -18.87 -3.54 0.82
C GLU A 113 -19.47 -3.94 2.18
N ARG A 114 -20.58 -4.65 2.11
CA ARG A 114 -21.29 -5.08 3.31
C ARG A 114 -20.80 -6.36 3.96
N ASN A 115 -20.01 -7.16 3.24
CA ASN A 115 -19.56 -8.44 3.79
C ASN A 115 -18.08 -8.77 3.86
N LEU A 116 -17.23 -7.95 3.25
CA LEU A 116 -15.81 -8.24 3.29
C LEU A 116 -15.05 -7.27 4.18
N ARG A 117 -15.77 -6.42 4.90
CA ARG A 117 -15.14 -5.47 5.81
C ARG A 117 -16.07 -5.18 6.99
N PRO A 118 -15.49 -4.77 8.12
CA PRO A 118 -16.30 -4.47 9.31
C PRO A 118 -17.27 -3.34 9.02
N ALA A 119 -18.38 -3.31 9.76
CA ALA A 119 -19.41 -2.30 9.57
C ALA A 119 -18.80 -0.91 9.75
N GLU A 120 -17.81 -0.83 10.63
CA GLU A 120 -17.13 0.43 10.93
C GLU A 120 -16.50 1.03 9.68
N LYS A 121 -16.02 0.16 8.80
CA LYS A 121 -15.35 0.56 7.57
C LYS A 121 -16.23 0.79 6.34
N GLN A 122 -17.54 0.68 6.49
CA GLN A 122 -18.41 0.91 5.34
C GLN A 122 -18.39 2.39 5.01
N HIS A 123 -18.40 2.72 3.72
CA HIS A 123 -18.35 4.12 3.31
C HIS A 123 -19.67 4.53 2.64
N GLY A 124 -20.48 5.27 3.40
CA GLY A 124 -21.77 5.72 2.92
C GLY A 124 -21.81 6.25 1.50
N PRO A 125 -20.93 7.20 1.15
CA PRO A 125 -20.88 7.77 -0.21
C PRO A 125 -20.72 6.73 -1.31
N TRP A 126 -19.90 5.71 -1.03
CA TRP A 126 -19.66 4.65 -2.00
C TRP A 126 -20.94 3.85 -2.21
N LEU A 127 -21.56 3.43 -1.11
CA LEU A 127 -22.79 2.67 -1.22
C LEU A 127 -23.88 3.46 -1.92
N GLU A 128 -23.92 4.77 -1.67
CA GLU A 128 -24.92 5.61 -2.31
C GLU A 128 -24.69 5.72 -3.81
N ARG A 129 -23.43 5.84 -4.18
CA ARG A 129 -23.07 5.97 -5.58
C ARG A 129 -23.44 4.71 -6.34
N VAL A 130 -22.97 3.57 -5.84
CA VAL A 130 -23.23 2.29 -6.49
C VAL A 130 -24.73 1.95 -6.50
N GLY A 131 -25.44 2.27 -5.43
CA GLY A 131 -26.86 2.02 -5.38
C GLY A 131 -27.62 2.78 -6.45
N GLY A 132 -27.18 4.00 -6.71
CA GLY A 132 -27.84 4.82 -7.73
C GLY A 132 -27.56 4.25 -9.11
N GLN A 133 -26.33 3.81 -9.31
CA GLN A 133 -25.94 3.22 -10.58
C GLN A 133 -26.75 1.94 -10.82
N LEU A 134 -26.99 1.19 -9.75
CA LEU A 134 -27.76 -0.04 -9.83
C LEU A 134 -29.18 0.29 -10.29
N GLN A 135 -29.78 1.28 -9.65
CA GLN A 135 -31.12 1.72 -10.00
C GLN A 135 -31.17 2.18 -11.45
N ALA A 136 -30.10 2.85 -11.88
CA ALA A 136 -30.01 3.37 -13.24
C ALA A 136 -29.94 2.23 -14.25
N ALA A 137 -29.12 1.22 -13.96
CA ALA A 137 -28.97 0.09 -14.88
C ALA A 137 -30.31 -0.60 -15.11
N TYR A 138 -31.04 -0.89 -14.04
CA TYR A 138 -32.32 -1.56 -14.22
C TYR A 138 -33.33 -0.62 -14.88
N GLY A 139 -33.26 0.67 -14.57
CA GLY A 139 -34.18 1.62 -15.17
C GLY A 139 -33.99 1.67 -16.68
N GLU A 140 -32.73 1.63 -17.11
CA GLU A 140 -32.42 1.65 -18.54
C GLU A 140 -32.92 0.37 -19.20
N LEU A 141 -32.75 -0.76 -18.51
CA LEU A 141 -33.20 -2.05 -19.02
C LEU A 141 -34.72 -2.07 -19.14
N GLU A 142 -35.38 -1.56 -18.11
CA GLU A 142 -36.84 -1.51 -18.10
C GLU A 142 -37.35 -0.72 -19.31
N GLN A 143 -36.69 0.38 -19.61
CA GLN A 143 -37.07 1.20 -20.76
C GLN A 143 -36.88 0.43 -22.07
N GLU A 144 -35.76 -0.27 -22.19
CA GLU A 144 -35.49 -1.04 -23.39
C GLU A 144 -36.52 -2.15 -23.58
N LEU A 145 -36.88 -2.82 -22.49
CA LEU A 145 -37.85 -3.90 -22.57
C LEU A 145 -39.25 -3.39 -22.91
N GLN A 146 -39.57 -2.19 -22.44
CA GLN A 146 -40.88 -1.60 -22.75
C GLN A 146 -40.97 -1.24 -24.25
N LYS A 147 -39.84 -0.89 -24.85
CA LYS A 147 -39.80 -0.51 -26.26
C LYS A 147 -39.94 -1.69 -27.20
N GLN A 148 -39.27 -2.78 -26.85
CA GLN A 148 -39.27 -3.99 -27.66
C GLN A 148 -39.16 -5.17 -26.70
N PRO A 149 -40.29 -5.77 -26.33
CA PRO A 149 -40.28 -6.91 -25.41
C PRO A 149 -39.43 -8.07 -25.91
N LEU A 150 -38.94 -8.88 -24.99
CA LEU A 150 -38.15 -10.04 -25.35
C LEU A 150 -39.09 -11.19 -25.70
N PRO A 151 -38.68 -12.05 -26.64
CA PRO A 151 -39.54 -13.16 -27.02
C PRO A 151 -39.72 -14.15 -25.88
N ARG A 152 -40.89 -14.77 -25.83
CA ARG A 152 -41.16 -15.77 -24.82
C ARG A 152 -41.62 -17.00 -25.58
N ASP A 153 -40.74 -17.50 -26.45
CA ASP A 153 -41.03 -18.68 -27.25
C ASP A 153 -40.27 -19.86 -26.68
N GLY A 154 -39.59 -19.65 -25.56
CA GLY A 154 -38.84 -20.73 -24.95
C GLY A 154 -37.37 -20.72 -25.31
N SER A 155 -37.00 -19.91 -26.29
CA SER A 155 -35.60 -19.81 -26.68
C SER A 155 -34.99 -18.64 -25.92
N LEU A 156 -33.66 -18.60 -25.86
CA LEU A 156 -32.97 -17.54 -25.15
C LEU A 156 -31.77 -17.01 -25.91
N GLY A 157 -31.49 -15.72 -25.75
CA GLY A 157 -30.35 -15.09 -26.35
C GLY A 157 -29.47 -14.67 -25.18
N GLN A 158 -28.30 -14.13 -25.44
CA GLN A 158 -27.41 -13.71 -24.37
C GLN A 158 -28.01 -12.62 -23.47
N ALA A 159 -28.72 -11.65 -24.07
CA ALA A 159 -29.32 -10.60 -23.24
C ALA A 159 -30.34 -11.23 -22.29
N GLY A 160 -31.16 -12.12 -22.82
CA GLY A 160 -32.16 -12.78 -21.99
C GLY A 160 -31.54 -13.57 -20.84
N ILE A 161 -30.48 -14.30 -21.15
CA ILE A 161 -29.79 -15.10 -20.13
C ILE A 161 -29.19 -14.20 -19.06
N SER A 162 -28.46 -13.19 -19.50
CA SER A 162 -27.79 -12.27 -18.59
C SER A 162 -28.73 -11.44 -17.73
N LEU A 163 -29.79 -10.92 -18.34
CA LEU A 163 -30.77 -10.10 -17.62
C LEU A 163 -31.46 -10.90 -16.51
N ALA A 164 -31.90 -12.11 -16.84
CA ALA A 164 -32.58 -12.96 -15.89
C ALA A 164 -31.67 -13.36 -14.73
N VAL A 165 -30.43 -13.72 -15.04
CA VAL A 165 -29.47 -14.10 -14.01
C VAL A 165 -29.16 -12.90 -13.10
N ALA A 166 -29.01 -11.73 -13.71
CA ALA A 166 -28.71 -10.52 -12.97
C ALA A 166 -29.86 -10.19 -12.00
N TRP A 167 -31.07 -10.14 -12.52
CA TRP A 167 -32.24 -9.83 -11.68
C TRP A 167 -32.36 -10.78 -10.49
N SER A 168 -32.34 -12.09 -10.74
CA SER A 168 -32.46 -13.04 -9.66
C SER A 168 -31.36 -12.86 -8.63
N PHE A 169 -30.14 -12.58 -9.09
CA PHE A 169 -29.02 -12.37 -8.18
C PHE A 169 -29.28 -11.13 -7.32
N SER A 170 -29.70 -10.03 -7.95
CA SER A 170 -29.96 -8.80 -7.21
C SER A 170 -31.06 -8.99 -6.16
N GLN A 171 -32.09 -9.75 -6.50
CA GLN A 171 -33.19 -10.01 -5.57
C GLN A 171 -32.77 -10.92 -4.42
N MET A 172 -31.82 -11.81 -4.69
CA MET A 172 -31.34 -12.72 -3.65
C MET A 172 -30.37 -12.03 -2.69
N MET A 173 -29.53 -11.15 -3.22
CA MET A 173 -28.52 -10.51 -2.39
C MET A 173 -28.70 -9.05 -1.96
N VAL A 174 -29.36 -8.23 -2.78
CA VAL A 174 -29.54 -6.83 -2.40
C VAL A 174 -30.98 -6.38 -2.60
N ALA A 175 -31.92 -7.21 -2.14
CA ALA A 175 -33.34 -6.94 -2.28
C ALA A 175 -33.77 -5.60 -1.65
N ASP A 176 -33.03 -5.19 -0.62
CA ASP A 176 -33.33 -3.96 0.09
C ASP A 176 -33.21 -2.73 -0.81
N GLN A 177 -32.55 -2.87 -1.95
CA GLN A 177 -32.37 -1.74 -2.86
C GLN A 177 -33.59 -1.47 -3.74
N PHE A 178 -34.60 -2.33 -3.64
CA PHE A 178 -35.79 -2.17 -4.48
C PHE A 178 -37.11 -2.14 -3.72
N ASN A 179 -38.12 -1.54 -4.35
CA ASN A 179 -39.47 -1.52 -3.82
C ASN A 179 -40.14 -2.62 -4.66
N PRO A 180 -41.02 -3.43 -4.05
CA PRO A 180 -41.72 -4.53 -4.73
C PRO A 180 -42.15 -4.39 -6.19
N GLY A 181 -42.74 -3.26 -6.54
CA GLY A 181 -43.20 -3.13 -7.91
C GLY A 181 -42.22 -2.60 -8.95
N GLN A 182 -41.01 -2.24 -8.54
CA GLN A 182 -40.05 -1.71 -9.50
C GLN A 182 -39.65 -2.62 -10.64
N PHE A 183 -39.37 -2.01 -11.79
CA PHE A 183 -38.93 -2.70 -13.01
C PHE A 183 -39.80 -3.92 -13.33
N PRO A 184 -41.12 -3.71 -13.50
CA PRO A 184 -42.06 -4.79 -13.80
C PRO A 184 -41.72 -5.64 -15.03
N ALA A 185 -41.22 -5.02 -16.09
CA ALA A 185 -40.88 -5.76 -17.30
C ALA A 185 -39.65 -6.64 -17.05
N VAL A 186 -38.65 -6.09 -16.35
CA VAL A 186 -37.44 -6.82 -16.07
C VAL A 186 -37.75 -8.00 -15.14
N ARG A 187 -38.50 -7.73 -14.08
CA ARG A 187 -38.88 -8.77 -13.14
C ARG A 187 -39.72 -9.82 -13.86
N GLY A 188 -40.62 -9.35 -14.71
CA GLY A 188 -41.48 -10.25 -15.44
C GLY A 188 -40.70 -11.22 -16.31
N PHE A 189 -39.77 -10.71 -17.13
CA PHE A 189 -39.01 -11.61 -17.98
C PHE A 189 -38.18 -12.56 -17.15
N ALA A 190 -37.53 -12.02 -16.12
CA ALA A 190 -36.68 -12.84 -15.27
C ALA A 190 -37.45 -14.00 -14.64
N GLU A 191 -38.65 -13.75 -14.14
CA GLU A 191 -39.43 -14.82 -13.49
C GLU A 191 -39.96 -15.83 -14.51
N TYR A 192 -40.14 -15.39 -15.76
CA TYR A 192 -40.57 -16.26 -16.84
C TYR A 192 -39.39 -17.18 -17.16
N ALA A 193 -38.22 -16.56 -17.33
CA ALA A 193 -37.00 -17.28 -17.65
C ALA A 193 -36.65 -18.34 -16.60
N GLU A 194 -36.83 -18.00 -15.33
CA GLU A 194 -36.50 -18.93 -14.27
C GLU A 194 -37.32 -20.20 -14.31
N GLN A 195 -38.44 -20.18 -15.02
CA GLN A 195 -39.27 -21.35 -15.12
C GLN A 195 -38.96 -22.19 -16.35
N LEU A 196 -37.99 -21.73 -17.14
CA LEU A 196 -37.57 -22.46 -18.33
C LEU A 196 -36.69 -23.63 -17.89
N PRO A 197 -36.77 -24.76 -18.61
CA PRO A 197 -35.98 -25.94 -18.25
C PRO A 197 -34.51 -25.68 -17.94
N VAL A 198 -33.85 -24.91 -18.81
CA VAL A 198 -32.43 -24.61 -18.64
C VAL A 198 -32.13 -23.83 -17.36
N PHE A 199 -33.07 -22.99 -16.91
CA PHE A 199 -32.86 -22.25 -15.68
C PHE A 199 -33.16 -23.15 -14.48
N LEU A 200 -34.20 -23.97 -14.59
CA LEU A 200 -34.57 -24.89 -13.52
C LEU A 200 -33.44 -25.88 -13.29
N ALA A 201 -32.70 -26.22 -14.34
CA ALA A 201 -31.61 -27.19 -14.25
C ALA A 201 -30.29 -26.56 -13.82
N THR A 202 -30.28 -25.24 -13.65
CA THR A 202 -29.08 -24.51 -13.25
C THR A 202 -29.44 -23.57 -12.10
N PRO A 203 -29.83 -24.14 -10.95
CA PRO A 203 -30.20 -23.33 -9.79
C PRO A 203 -29.04 -22.52 -9.21
N ALA A 204 -29.34 -21.29 -8.81
CA ALA A 204 -28.33 -20.40 -8.24
C ALA A 204 -27.81 -20.97 -6.93
N THR A 205 -28.70 -21.63 -6.19
CA THR A 205 -28.34 -22.24 -4.91
C THR A 205 -28.91 -23.65 -4.89
N LEU B 3 26.91 27.71 17.92
CA LEU B 3 26.37 26.37 17.54
C LEU B 3 26.76 26.01 16.12
N LYS B 4 27.09 24.74 15.92
CA LYS B 4 27.44 24.27 14.60
C LYS B 4 26.66 23.01 14.31
N LEU B 5 26.05 22.97 13.12
CA LEU B 5 25.29 21.80 12.72
C LEU B 5 26.13 21.11 11.66
N ILE B 6 26.46 19.84 11.87
CA ILE B 6 27.28 19.10 10.92
C ILE B 6 26.44 18.04 10.22
N GLY B 7 26.39 18.13 8.89
CA GLY B 7 25.62 17.17 8.10
C GLY B 7 25.01 17.80 6.87
N MET B 8 24.56 16.98 5.93
CA MET B 8 23.96 17.51 4.71
C MET B 8 22.45 17.55 4.78
N LEU B 9 21.86 18.62 4.23
CA LEU B 9 20.42 18.82 4.27
C LEU B 9 19.56 17.80 3.52
N ASP B 10 20.16 16.95 2.70
CA ASP B 10 19.35 15.95 2.01
C ASP B 10 18.95 14.84 2.97
N SER B 11 19.52 14.87 4.18
CA SER B 11 19.17 13.91 5.22
C SER B 11 18.01 14.53 5.97
N PRO B 12 16.90 13.79 6.11
CA PRO B 12 15.77 14.37 6.84
C PRO B 12 16.07 14.66 8.31
N TYR B 13 16.98 13.89 8.87
CA TYR B 13 17.33 14.07 10.28
C TYR B 13 18.11 15.37 10.46
N VAL B 14 18.96 15.69 9.49
CA VAL B 14 19.73 16.91 9.56
C VAL B 14 18.81 18.10 9.28
N ARG B 15 17.96 17.96 8.28
CA ARG B 15 17.04 19.01 7.93
C ARG B 15 16.03 19.34 9.02
N ARG B 16 15.50 18.33 9.73
CA ARG B 16 14.54 18.64 10.77
C ARG B 16 15.22 19.46 11.87
N VAL B 17 16.51 19.21 12.09
CA VAL B 17 17.24 19.95 13.10
C VAL B 17 17.50 21.39 12.65
N ALA B 18 17.86 21.55 11.38
CA ALA B 18 18.13 22.89 10.83
C ALA B 18 16.88 23.77 10.91
N ILE B 19 15.75 23.22 10.48
CA ILE B 19 14.51 23.97 10.53
C ILE B 19 14.06 24.21 11.98
N SER B 20 14.38 23.28 12.87
CA SER B 20 14.02 23.46 14.27
C SER B 20 14.85 24.59 14.89
N LEU B 21 16.12 24.66 14.51
CA LEU B 21 17.01 25.69 15.00
C LEU B 21 16.47 27.06 14.59
N LYS B 22 16.08 27.18 13.33
CA LYS B 22 15.58 28.44 12.84
C LYS B 22 14.23 28.77 13.49
N SER B 23 13.39 27.76 13.65
CA SER B 23 12.08 27.97 14.27
C SER B 23 12.20 28.38 15.74
N LEU B 24 13.24 27.89 16.41
CA LEU B 24 13.45 28.21 17.82
C LEU B 24 14.13 29.58 17.93
N GLY B 25 14.67 30.05 16.81
CA GLY B 25 15.34 31.34 16.78
C GLY B 25 16.75 31.29 17.32
N LEU B 26 17.42 30.17 17.14
CA LEU B 26 18.80 29.99 17.62
C LEU B 26 19.77 30.09 16.45
N PRO B 27 20.67 31.11 16.48
CA PRO B 27 21.62 31.21 15.39
C PRO B 27 22.61 30.04 15.42
N PHE B 28 23.15 29.69 14.26
CA PHE B 28 24.09 28.58 14.16
C PHE B 28 24.83 28.60 12.84
N GLU B 29 25.89 27.79 12.76
CA GLU B 29 26.68 27.68 11.54
C GLU B 29 26.41 26.29 10.99
N HIS B 30 26.23 26.20 9.67
CA HIS B 30 25.96 24.91 9.05
C HIS B 30 27.16 24.43 8.24
N HIS B 31 27.71 23.28 8.62
CA HIS B 31 28.84 22.72 7.91
C HIS B 31 28.36 21.49 7.17
N SER B 32 28.21 21.66 5.86
CA SER B 32 27.72 20.61 4.99
C SER B 32 28.74 19.51 4.70
N LEU B 33 28.93 18.61 5.67
CA LEU B 33 29.87 17.50 5.49
C LEU B 33 29.09 16.20 5.31
N SER B 34 29.64 15.30 4.51
CA SER B 34 29.01 14.00 4.25
C SER B 34 29.62 12.90 5.09
N VAL B 35 28.79 11.97 5.53
CA VAL B 35 29.28 10.86 6.34
C VAL B 35 29.84 9.77 5.44
N PHE B 36 29.77 9.99 4.12
CA PHE B 36 30.26 9.02 3.16
C PHE B 36 31.42 9.59 2.34
N SER B 37 31.21 10.77 1.76
CA SER B 37 32.24 11.43 0.95
C SER B 37 33.34 12.07 1.76
N THR B 38 32.98 12.73 2.85
CA THR B 38 33.98 13.39 3.70
C THR B 38 34.10 12.68 5.06
N PHE B 39 34.07 11.36 5.03
CA PHE B 39 34.16 10.52 6.23
C PHE B 39 35.23 10.98 7.21
N GLU B 40 36.46 11.14 6.72
CA GLU B 40 37.56 11.55 7.59
C GLU B 40 37.35 12.91 8.26
N GLN B 41 36.84 13.89 7.51
CA GLN B 41 36.61 15.20 8.08
C GLN B 41 35.50 15.13 9.13
N PHE B 42 34.51 14.30 8.89
CA PHE B 42 33.39 14.16 9.82
C PHE B 42 33.91 13.46 11.08
N LYS B 43 34.71 12.42 10.88
CA LYS B 43 35.27 11.64 11.99
C LYS B 43 36.08 12.52 12.95
N ALA B 44 36.74 13.53 12.40
CA ALA B 44 37.56 14.44 13.20
C ALA B 44 36.71 15.31 14.13
N ILE B 45 35.44 15.51 13.79
CA ILE B 45 34.54 16.29 14.64
C ILE B 45 33.79 15.36 15.58
N ASN B 46 33.32 14.24 15.03
CA ASN B 46 32.58 13.23 15.79
C ASN B 46 33.01 11.86 15.28
N PRO B 47 33.79 11.11 16.10
CA PRO B 47 34.29 9.77 15.77
C PRO B 47 33.23 8.76 15.35
N VAL B 48 32.01 8.89 15.88
CA VAL B 48 30.94 7.97 15.54
C VAL B 48 30.44 8.19 14.11
N VAL B 49 30.79 9.34 13.54
CA VAL B 49 30.40 9.72 12.19
C VAL B 49 28.91 9.47 11.94
N LYS B 50 28.09 10.26 12.62
CA LYS B 50 26.65 10.17 12.51
C LYS B 50 26.09 11.59 12.31
N ALA B 51 25.24 11.76 11.31
CA ALA B 51 24.63 13.05 11.01
C ALA B 51 23.13 13.03 11.29
N PRO B 52 22.59 14.11 11.88
CA PRO B 52 23.28 15.34 12.29
C PRO B 52 24.11 15.23 13.55
N THR B 53 25.12 16.09 13.61
CA THR B 53 25.99 16.19 14.77
C THR B 53 25.89 17.67 15.13
N LEU B 54 25.73 17.96 16.42
CA LEU B 54 25.68 19.35 16.83
C LEU B 54 26.90 19.61 17.68
N VAL B 55 27.60 20.69 17.38
CA VAL B 55 28.78 21.06 18.16
C VAL B 55 28.32 22.27 18.94
N CYS B 56 28.29 22.12 20.26
CA CYS B 56 27.84 23.18 21.15
C CYS B 56 28.88 24.27 21.32
N GLU B 57 28.45 25.40 21.87
CA GLU B 57 29.31 26.54 22.08
C GLU B 57 30.63 26.19 22.78
N GLY B 58 30.55 25.31 23.77
CA GLY B 58 31.73 24.91 24.51
C GLY B 58 32.48 23.72 23.94
N GLY B 59 32.12 23.32 22.73
CA GLY B 59 32.78 22.21 22.09
C GLY B 59 32.14 20.84 22.25
N GLU B 60 31.18 20.71 23.16
CA GLU B 60 30.51 19.44 23.38
C GLU B 60 29.87 18.97 22.09
N VAL B 61 29.91 17.65 21.84
CA VAL B 61 29.39 17.07 20.62
C VAL B 61 28.16 16.19 20.87
N LEU B 62 27.05 16.51 20.20
CA LEU B 62 25.81 15.75 20.35
C LEU B 62 25.35 15.10 19.04
N MET B 63 24.65 13.98 19.15
CA MET B 63 24.12 13.27 17.99
C MET B 63 22.69 12.79 18.30
N ASP B 64 22.00 12.32 17.25
CA ASP B 64 20.59 11.88 17.29
C ASP B 64 19.70 13.11 17.22
N SER B 65 18.96 13.25 16.14
CA SER B 65 18.11 14.43 15.95
C SER B 65 17.16 14.75 17.10
N SER B 66 16.52 13.75 17.69
CA SER B 66 15.60 14.02 18.78
C SER B 66 16.31 14.54 20.04
N LEU B 67 17.51 14.03 20.33
CA LEU B 67 18.24 14.48 21.52
C LEU B 67 18.82 15.88 21.29
N ILE B 68 19.22 16.15 20.05
CA ILE B 68 19.76 17.46 19.70
C ILE B 68 18.63 18.48 19.91
N ILE B 69 17.45 18.15 19.40
CA ILE B 69 16.31 19.01 19.53
C ILE B 69 15.91 19.19 21.00
N ASP B 70 16.08 18.15 21.82
CA ASP B 70 15.77 18.28 23.24
C ASP B 70 16.68 19.36 23.84
N TYR B 71 17.97 19.30 23.51
CA TYR B 71 18.95 20.28 24.00
C TYR B 71 18.55 21.68 23.54
N LEU B 72 18.26 21.79 22.25
CA LEU B 72 17.87 23.06 21.66
C LEU B 72 16.61 23.64 22.30
N GLU B 73 15.65 22.78 22.64
CA GLU B 73 14.42 23.22 23.28
C GLU B 73 14.78 23.80 24.66
N THR B 74 15.68 23.10 25.35
CA THR B 74 16.15 23.52 26.67
C THR B 74 16.84 24.88 26.56
N LEU B 75 17.70 24.99 25.55
CA LEU B 75 18.44 26.23 25.31
C LEU B 75 17.50 27.39 25.01
N ALA B 76 16.48 27.13 24.20
CA ALA B 76 15.52 28.16 23.81
C ALA B 76 14.52 28.63 24.87
N GLY B 77 14.11 27.74 25.77
CA GLY B 77 13.16 28.13 26.81
C GLY B 77 11.73 27.74 26.46
N PRO B 78 10.86 27.53 27.46
CA PRO B 78 9.47 27.14 27.20
C PRO B 78 8.64 28.02 26.27
N GLN B 79 8.91 29.32 26.25
CA GLN B 79 8.16 30.22 25.39
C GLN B 79 8.38 29.91 23.90
N ARG B 80 9.59 29.49 23.56
CA ARG B 80 9.97 29.18 22.18
C ARG B 80 9.67 27.75 21.73
N SER B 81 9.29 26.88 22.66
CA SER B 81 9.04 25.48 22.35
C SER B 81 8.21 25.16 21.10
N LEU B 82 8.64 24.12 20.39
CA LEU B 82 7.95 23.66 19.19
C LEU B 82 7.01 22.51 19.56
N MET B 83 6.92 22.22 20.86
CA MET B 83 6.09 21.14 21.38
C MET B 83 4.98 21.61 22.31
N PRO B 84 3.80 20.99 22.23
CA PRO B 84 2.71 21.39 23.12
C PRO B 84 3.10 20.85 24.51
N THR B 85 2.64 21.48 25.58
CA THR B 85 2.98 21.00 26.93
C THR B 85 1.82 20.25 27.58
N ALA B 86 0.60 20.53 27.14
CA ALA B 86 -0.56 19.85 27.70
C ALA B 86 -0.44 18.39 27.27
N LEU B 87 -0.72 17.49 28.21
CA LEU B 87 -0.61 16.07 27.96
C LEU B 87 -1.28 15.54 26.69
N PRO B 88 -2.60 15.79 26.50
CA PRO B 88 -3.27 15.29 25.30
C PRO B 88 -2.64 15.77 24.00
N GLN B 89 -2.30 17.05 23.96
CA GLN B 89 -1.69 17.66 22.79
C GLN B 89 -0.26 17.18 22.57
N ARG B 90 0.51 17.06 23.65
CA ARG B 90 1.89 16.61 23.52
C ARG B 90 1.91 15.16 23.05
N LEU B 91 0.97 14.36 23.55
CA LEU B 91 0.90 12.95 23.16
C LEU B 91 0.68 12.85 21.65
N ARG B 92 -0.28 13.59 21.14
CA ARG B 92 -0.54 13.54 19.72
C ARG B 92 0.68 14.02 18.93
N GLU B 93 1.32 15.09 19.40
CA GLU B 93 2.49 15.62 18.73
C GLU B 93 3.57 14.53 18.65
N LEU B 94 3.82 13.85 19.77
CA LEU B 94 4.83 12.80 19.81
C LEU B 94 4.47 11.65 18.89
N ARG B 95 3.19 11.33 18.81
CA ARG B 95 2.76 10.25 17.93
C ARG B 95 3.08 10.60 16.49
N LEU B 96 2.70 11.81 16.09
CA LEU B 96 2.97 12.26 14.74
C LEU B 96 4.46 12.26 14.45
N VAL B 97 5.26 12.82 15.36
CA VAL B 97 6.70 12.85 15.17
C VAL B 97 7.24 11.43 15.04
N GLY B 98 6.75 10.52 15.89
CA GLY B 98 7.21 9.15 15.81
C GLY B 98 6.91 8.50 14.46
N LEU B 99 5.70 8.72 13.95
CA LEU B 99 5.32 8.16 12.66
C LEU B 99 6.19 8.77 11.57
N ALA B 100 6.45 10.06 11.68
CA ALA B 100 7.26 10.75 10.69
C ALA B 100 8.69 10.20 10.71
N LEU B 101 9.25 10.02 11.89
CA LEU B 101 10.60 9.51 11.98
C LEU B 101 10.64 8.07 11.44
N ALA B 102 9.59 7.30 11.73
CA ALA B 102 9.50 5.93 11.25
C ALA B 102 9.56 5.94 9.72
N ALA B 103 8.80 6.84 9.12
CA ALA B 103 8.78 6.97 7.67
C ALA B 103 10.19 7.30 7.16
N CYS B 104 10.91 8.17 7.86
CA CYS B 104 12.27 8.53 7.46
C CYS B 104 13.18 7.31 7.54
N GLU B 105 13.12 6.62 8.67
CA GLU B 105 13.95 5.44 8.86
C GLU B 105 13.79 4.41 7.73
N LYS B 106 12.55 4.06 7.44
CA LYS B 106 12.27 3.08 6.40
C LYS B 106 12.71 3.60 5.03
N SER B 107 12.47 4.88 4.78
CA SER B 107 12.88 5.46 3.50
C SER B 107 14.41 5.33 3.39
N VAL B 108 15.11 5.70 4.45
CA VAL B 108 16.56 5.61 4.48
C VAL B 108 17.03 4.16 4.34
N GLN B 109 16.31 3.21 4.94
CA GLN B 109 16.72 1.82 4.83
C GLN B 109 16.63 1.36 3.38
N ILE B 110 15.58 1.79 2.68
CA ILE B 110 15.40 1.42 1.27
C ILE B 110 16.58 1.98 0.46
N VAL B 111 16.91 3.26 0.70
CA VAL B 111 18.01 3.92 0.00
C VAL B 111 19.33 3.19 0.25
N TYR B 112 19.62 2.91 1.52
CA TYR B 112 20.87 2.22 1.87
C TYR B 112 20.94 0.84 1.21
N GLU B 113 19.82 0.11 1.24
CA GLU B 113 19.78 -1.22 0.65
C GLU B 113 20.06 -1.18 -0.85
N ARG B 114 19.46 -0.23 -1.54
CA ARG B 114 19.62 -0.10 -2.98
C ARG B 114 20.92 0.57 -3.43
N ASN B 115 21.44 1.47 -2.59
CA ASN B 115 22.65 2.22 -2.92
C ASN B 115 23.99 1.83 -2.29
N LEU B 116 23.98 1.21 -1.12
CA LEU B 116 25.25 0.89 -0.48
C LEU B 116 25.80 -0.52 -0.57
N ARG B 117 25.28 -1.31 -1.49
CA ARG B 117 25.79 -2.66 -1.66
C ARG B 117 25.48 -3.13 -3.07
N PRO B 118 26.22 -4.12 -3.56
CA PRO B 118 25.99 -4.63 -4.92
C PRO B 118 24.59 -5.21 -5.05
N ALA B 119 24.08 -5.21 -6.28
CA ALA B 119 22.75 -5.74 -6.57
C ALA B 119 22.63 -7.19 -6.09
N GLU B 120 23.68 -7.97 -6.30
CA GLU B 120 23.67 -9.36 -5.88
C GLU B 120 23.53 -9.55 -4.37
N LYS B 121 23.89 -8.53 -3.60
CA LYS B 121 23.79 -8.65 -2.16
C LYS B 121 22.53 -8.02 -1.57
N GLN B 122 21.66 -7.53 -2.44
CA GLN B 122 20.41 -6.92 -2.02
C GLN B 122 19.42 -8.04 -1.73
N HIS B 123 18.54 -7.82 -0.75
CA HIS B 123 17.59 -8.85 -0.37
C HIS B 123 16.14 -8.41 -0.47
N GLY B 124 15.41 -9.03 -1.39
CA GLY B 124 14.01 -8.70 -1.60
C GLY B 124 13.13 -8.81 -0.37
N PRO B 125 13.23 -9.90 0.41
CA PRO B 125 12.39 -10.01 1.60
C PRO B 125 12.56 -8.85 2.56
N TRP B 126 13.77 -8.37 2.68
CA TRP B 126 14.06 -7.23 3.55
C TRP B 126 13.36 -6.00 2.99
N LEU B 127 13.58 -5.74 1.71
CA LEU B 127 12.98 -4.60 1.03
C LEU B 127 11.45 -4.61 1.12
N GLU B 128 10.85 -5.79 1.00
CA GLU B 128 9.41 -5.90 1.07
C GLU B 128 8.87 -5.59 2.46
N ARG B 129 9.64 -5.96 3.47
CA ARG B 129 9.24 -5.71 4.86
C ARG B 129 9.28 -4.21 5.14
N VAL B 130 10.40 -3.59 4.79
CA VAL B 130 10.61 -2.16 4.99
C VAL B 130 9.60 -1.35 4.17
N GLY B 131 9.32 -1.81 2.97
CA GLY B 131 8.36 -1.10 2.12
C GLY B 131 6.98 -1.13 2.75
N GLY B 132 6.64 -2.26 3.35
CA GLY B 132 5.35 -2.40 4.00
C GLY B 132 5.24 -1.45 5.18
N GLN B 133 6.31 -1.38 5.96
CA GLN B 133 6.35 -0.49 7.12
C GLN B 133 6.26 0.98 6.71
N LEU B 134 6.89 1.33 5.58
CA LEU B 134 6.86 2.71 5.07
C LEU B 134 5.43 3.08 4.72
N GLN B 135 4.73 2.17 4.05
CA GLN B 135 3.33 2.39 3.66
C GLN B 135 2.48 2.57 4.92
N ALA B 136 2.71 1.70 5.89
CA ALA B 136 1.98 1.75 7.14
C ALA B 136 2.16 3.08 7.86
N ALA B 137 3.41 3.55 7.93
CA ALA B 137 3.71 4.81 8.62
C ALA B 137 2.91 5.97 8.02
N TYR B 138 3.00 6.15 6.71
CA TYR B 138 2.28 7.24 6.07
C TYR B 138 0.77 7.04 6.17
N GLY B 139 0.32 5.79 6.19
CA GLY B 139 -1.11 5.53 6.30
C GLY B 139 -1.62 6.01 7.66
N GLU B 140 -0.82 5.79 8.71
CA GLU B 140 -1.19 6.20 10.05
C GLU B 140 -1.23 7.72 10.14
N LEU B 141 -0.23 8.36 9.54
CA LEU B 141 -0.13 9.82 9.53
C LEU B 141 -1.32 10.43 8.79
N GLU B 142 -1.69 9.80 7.68
CA GLU B 142 -2.81 10.24 6.86
C GLU B 142 -4.11 10.17 7.66
N GLN B 143 -4.30 9.09 8.41
CA GLN B 143 -5.50 8.93 9.21
C GLN B 143 -5.58 9.99 10.30
N GLU B 144 -4.44 10.30 10.90
CA GLU B 144 -4.40 11.31 11.94
C GLU B 144 -4.74 12.68 11.38
N LEU B 145 -4.13 13.06 10.27
CA LEU B 145 -4.41 14.36 9.66
C LEU B 145 -5.85 14.49 9.14
N GLN B 146 -6.40 13.40 8.62
CA GLN B 146 -7.78 13.46 8.13
C GLN B 146 -8.74 13.61 9.31
N LYS B 147 -8.31 13.16 10.49
CA LYS B 147 -9.13 13.25 11.70
C LYS B 147 -9.04 14.64 12.34
N GLN B 148 -7.84 15.19 12.38
CA GLN B 148 -7.60 16.50 12.97
C GLN B 148 -6.52 17.22 12.15
N PRO B 149 -6.92 18.01 11.15
CA PRO B 149 -5.98 18.75 10.30
C PRO B 149 -5.00 19.62 11.08
N LEU B 150 -3.76 19.71 10.59
CA LEU B 150 -2.74 20.54 11.23
C LEU B 150 -3.00 22.00 10.85
N PRO B 151 -2.67 22.93 11.75
CA PRO B 151 -2.89 24.35 11.44
C PRO B 151 -1.99 24.89 10.34
N ARG B 152 -2.52 25.84 9.58
CA ARG B 152 -1.77 26.49 8.51
C ARG B 152 -1.85 27.98 8.79
N ASP B 153 -1.08 28.42 9.77
CA ASP B 153 -1.07 29.82 10.17
C ASP B 153 0.30 30.47 10.02
N GLY B 154 1.24 29.75 9.40
CA GLY B 154 2.57 30.27 9.20
C GLY B 154 3.55 29.84 10.28
N SER B 155 3.04 29.20 11.32
CA SER B 155 3.90 28.73 12.41
C SER B 155 3.94 27.20 12.36
N LEU B 156 4.99 26.64 12.97
CA LEU B 156 5.17 25.20 12.97
C LEU B 156 5.52 24.62 14.32
N GLY B 157 5.12 23.37 14.51
CA GLY B 157 5.44 22.64 15.72
C GLY B 157 6.37 21.54 15.24
N GLN B 158 6.86 20.70 16.16
CA GLN B 158 7.77 19.64 15.75
C GLN B 158 7.14 18.61 14.80
N ALA B 159 5.85 18.35 14.96
CA ALA B 159 5.18 17.38 14.11
C ALA B 159 5.11 17.90 12.67
N GLY B 160 4.76 19.18 12.54
CA GLY B 160 4.67 19.78 11.22
C GLY B 160 6.01 19.75 10.50
N ILE B 161 7.06 20.15 11.21
CA ILE B 161 8.40 20.17 10.65
C ILE B 161 8.85 18.76 10.23
N SER B 162 8.73 17.81 11.16
CA SER B 162 9.15 16.44 10.89
C SER B 162 8.36 15.75 9.79
N LEU B 163 7.04 15.93 9.80
CA LEU B 163 6.17 15.33 8.79
C LEU B 163 6.50 15.86 7.39
N ALA B 164 6.64 17.16 7.26
CA ALA B 164 6.93 17.79 5.97
C ALA B 164 8.32 17.41 5.46
N VAL B 165 9.31 17.42 6.34
CA VAL B 165 10.66 17.06 5.94
C VAL B 165 10.68 15.59 5.50
N ALA B 166 9.95 14.75 6.21
CA ALA B 166 9.88 13.33 5.88
C ALA B 166 9.22 13.08 4.52
N TRP B 167 8.04 13.65 4.32
CA TRP B 167 7.34 13.44 3.05
C TRP B 167 8.19 13.84 1.85
N SER B 168 8.79 15.04 1.92
CA SER B 168 9.63 15.52 0.83
C SER B 168 10.82 14.59 0.60
N PHE B 169 11.41 14.06 1.67
CA PHE B 169 12.56 13.16 1.55
C PHE B 169 12.11 11.89 0.83
N SER B 170 10.98 11.34 1.25
CA SER B 170 10.46 10.13 0.64
C SER B 170 10.18 10.33 -0.84
N GLN B 171 9.59 11.46 -1.19
CA GLN B 171 9.29 11.73 -2.60
C GLN B 171 10.55 11.93 -3.43
N MET B 172 11.62 12.42 -2.79
CA MET B 172 12.88 12.65 -3.47
C MET B 172 13.67 11.35 -3.66
N MET B 173 13.62 10.48 -2.67
CA MET B 173 14.38 9.23 -2.70
C MET B 173 13.66 7.91 -2.98
N VAL B 174 12.37 7.81 -2.64
CA VAL B 174 11.63 6.58 -2.89
C VAL B 174 10.27 6.85 -3.51
N ALA B 175 10.26 7.69 -4.55
CA ALA B 175 9.05 8.08 -5.24
C ALA B 175 8.26 6.89 -5.80
N ASP B 176 8.98 5.82 -6.11
CA ASP B 176 8.40 4.60 -6.67
C ASP B 176 7.41 3.91 -5.72
N GLN B 177 7.39 4.33 -4.46
CA GLN B 177 6.49 3.71 -3.50
C GLN B 177 5.20 4.49 -3.31
N PHE B 178 5.05 5.59 -4.04
CA PHE B 178 3.86 6.43 -3.90
C PHE B 178 3.11 6.65 -5.23
N ASN B 179 1.79 6.76 -5.13
CA ASN B 179 0.92 6.93 -6.29
C ASN B 179 0.02 8.16 -6.15
N PRO B 180 -0.50 8.67 -7.28
CA PRO B 180 -1.37 9.84 -7.20
C PRO B 180 -2.62 9.64 -6.34
N GLY B 181 -2.85 10.55 -5.42
CA GLY B 181 -4.02 10.51 -4.55
C GLY B 181 -3.94 9.61 -3.32
N GLN B 182 -2.81 8.93 -3.13
CA GLN B 182 -2.67 7.99 -2.01
C GLN B 182 -2.70 8.54 -0.58
N PHE B 183 -1.97 9.63 -0.36
CA PHE B 183 -1.91 10.25 0.97
C PHE B 183 -2.10 11.74 0.74
N PRO B 184 -3.33 12.14 0.37
CA PRO B 184 -3.64 13.56 0.12
C PRO B 184 -3.39 14.57 1.23
N ALA B 185 -3.77 14.24 2.46
CA ALA B 185 -3.58 15.16 3.58
C ALA B 185 -2.10 15.37 3.91
N VAL B 186 -1.32 14.29 3.92
CA VAL B 186 0.10 14.41 4.23
C VAL B 186 0.80 15.20 3.14
N ARG B 187 0.51 14.83 1.89
CA ARG B 187 1.10 15.53 0.76
C ARG B 187 0.71 17.01 0.81
N GLY B 188 -0.58 17.25 1.03
CA GLY B 188 -1.07 18.62 1.08
C GLY B 188 -0.36 19.46 2.12
N PHE B 189 -0.20 18.94 3.34
CA PHE B 189 0.47 19.72 4.38
C PHE B 189 1.95 19.92 4.05
N ALA B 190 2.60 18.87 3.56
CA ALA B 190 4.03 18.97 3.23
C ALA B 190 4.27 20.00 2.13
N GLU B 191 3.42 20.01 1.12
CA GLU B 191 3.59 20.95 0.04
C GLU B 191 3.28 22.36 0.51
N TYR B 192 2.44 22.47 1.54
CA TYR B 192 2.10 23.77 2.13
C TYR B 192 3.32 24.28 2.90
N ALA B 193 3.87 23.44 3.76
CA ALA B 193 5.03 23.82 4.58
C ALA B 193 6.28 24.18 3.78
N GLU B 194 6.49 23.49 2.67
CA GLU B 194 7.64 23.75 1.84
C GLU B 194 7.66 25.17 1.27
N GLN B 195 6.50 25.83 1.22
CA GLN B 195 6.45 27.19 0.71
C GLN B 195 6.53 28.24 1.82
N LEU B 196 6.71 27.79 3.06
CA LEU B 196 6.87 28.72 4.17
C LEU B 196 8.32 29.21 4.11
N PRO B 197 8.57 30.47 4.50
CA PRO B 197 9.92 31.02 4.47
C PRO B 197 11.03 30.13 5.02
N VAL B 198 10.80 29.56 6.21
CA VAL B 198 11.80 28.71 6.83
C VAL B 198 12.18 27.47 5.99
N PHE B 199 11.23 26.88 5.29
CA PHE B 199 11.54 25.72 4.46
C PHE B 199 12.28 26.16 3.20
N LEU B 200 11.86 27.29 2.62
CA LEU B 200 12.50 27.81 1.42
C LEU B 200 13.97 28.17 1.71
N ALA B 201 14.22 28.62 2.93
CA ALA B 201 15.57 29.02 3.35
C ALA B 201 16.41 27.83 3.77
N THR B 202 15.78 26.65 3.85
CA THR B 202 16.47 25.44 4.27
C THR B 202 16.15 24.36 3.27
N PRO B 203 16.63 24.51 2.02
CA PRO B 203 16.36 23.52 0.98
C PRO B 203 17.01 22.15 1.20
N ALA B 204 16.31 21.11 0.79
CA ALA B 204 16.81 19.76 0.91
C ALA B 204 17.93 19.60 -0.12
N THR B 205 17.55 19.51 -1.39
CA THR B 205 18.49 19.34 -2.50
C THR B 205 19.55 18.30 -2.19
N SER C 2 -4.77 1.49 31.62
CA SER C 2 -3.38 1.10 31.97
C SER C 2 -2.39 1.22 30.80
N LEU C 3 -1.18 1.69 31.11
CA LEU C 3 -0.13 1.81 30.10
C LEU C 3 0.25 0.39 29.71
N LYS C 4 0.61 0.20 28.45
CA LYS C 4 1.03 -1.11 27.97
C LYS C 4 2.28 -0.95 27.14
N LEU C 5 3.31 -1.73 27.47
CA LEU C 5 4.55 -1.71 26.72
C LEU C 5 4.57 -2.93 25.83
N ILE C 6 4.69 -2.74 24.52
CA ILE C 6 4.71 -3.86 23.59
C ILE C 6 6.12 -4.04 23.02
N GLY C 7 6.66 -5.25 23.18
CA GLY C 7 8.00 -5.53 22.66
C GLY C 7 8.73 -6.48 23.59
N MET C 8 9.85 -7.04 23.14
CA MET C 8 10.60 -7.97 23.97
C MET C 8 11.81 -7.27 24.60
N LEU C 9 12.06 -7.60 25.86
CA LEU C 9 13.14 -7.00 26.62
C LEU C 9 14.54 -7.25 26.09
N ASP C 10 14.69 -8.17 25.13
CA ASP C 10 16.02 -8.40 24.59
C ASP C 10 16.42 -7.28 23.63
N SER C 11 15.49 -6.39 23.34
CA SER C 11 15.78 -5.23 22.51
C SER C 11 16.19 -4.15 23.51
N PRO C 12 17.32 -3.45 23.25
CA PRO C 12 17.75 -2.40 24.19
C PRO C 12 16.76 -1.22 24.22
N TYR C 13 16.06 -1.00 23.10
CA TYR C 13 15.10 0.09 23.03
C TYR C 13 13.88 -0.21 23.88
N VAL C 14 13.43 -1.46 23.88
CA VAL C 14 12.30 -1.85 24.69
C VAL C 14 12.73 -1.84 26.16
N ARG C 15 13.92 -2.36 26.43
CA ARG C 15 14.39 -2.42 27.80
C ARG C 15 14.62 -1.06 28.47
N ARG C 16 15.15 -0.08 27.75
CA ARG C 16 15.38 1.23 28.36
C ARG C 16 14.04 1.85 28.72
N VAL C 17 13.00 1.57 27.95
CA VAL C 17 11.69 2.10 28.25
C VAL C 17 11.12 1.41 29.49
N ALA C 18 11.23 0.09 29.55
CA ALA C 18 10.73 -0.67 30.70
C ALA C 18 11.41 -0.20 32.00
N ILE C 19 12.73 -0.05 31.96
CA ILE C 19 13.46 0.38 33.14
C ILE C 19 13.14 1.83 33.49
N SER C 20 12.86 2.65 32.48
CA SER C 20 12.50 4.04 32.72
C SER C 20 11.13 4.11 33.36
N LEU C 21 10.20 3.30 32.85
CA LEU C 21 8.85 3.25 33.40
C LEU C 21 8.90 2.97 34.90
N LYS C 22 9.63 1.93 35.27
CA LYS C 22 9.75 1.56 36.66
C LYS C 22 10.44 2.63 37.49
N SER C 23 11.51 3.20 36.94
CA SER C 23 12.26 4.24 37.65
C SER C 23 11.41 5.50 37.86
N LEU C 24 10.47 5.75 36.96
CA LEU C 24 9.59 6.90 37.06
C LEU C 24 8.41 6.61 37.98
N GLY C 25 8.25 5.34 38.33
CA GLY C 25 7.16 4.93 39.22
C GLY C 25 5.82 4.78 38.51
N LEU C 26 5.84 4.56 37.21
CA LEU C 26 4.61 4.40 36.44
C LEU C 26 4.25 2.93 36.22
N PRO C 27 3.10 2.49 36.74
CA PRO C 27 2.72 1.09 36.55
C PRO C 27 2.35 0.84 35.10
N PHE C 28 2.56 -0.39 34.63
CA PHE C 28 2.25 -0.72 33.26
C PHE C 28 2.17 -2.22 33.02
N GLU C 29 1.55 -2.60 31.91
CA GLU C 29 1.44 -4.00 31.54
C GLU C 29 2.46 -4.27 30.45
N HIS C 30 3.20 -5.36 30.56
CA HIS C 30 4.18 -5.68 29.54
C HIS C 30 3.71 -6.85 28.68
N HIS C 31 3.60 -6.60 27.38
CA HIS C 31 3.20 -7.62 26.42
C HIS C 31 4.42 -7.94 25.56
N SER C 32 5.02 -9.09 25.81
CA SER C 32 6.21 -9.52 25.11
C SER C 32 5.92 -10.11 23.73
N LEU C 33 5.89 -9.25 22.73
CA LEU C 33 5.62 -9.66 21.35
C LEU C 33 6.82 -9.35 20.47
N SER C 34 7.05 -10.21 19.49
CA SER C 34 8.15 -10.07 18.55
C SER C 34 7.69 -9.38 17.26
N VAL C 35 8.51 -8.49 16.72
CA VAL C 35 8.17 -7.82 15.48
C VAL C 35 8.49 -8.79 14.34
N PHE C 36 9.04 -9.94 14.69
CA PHE C 36 9.39 -10.94 13.68
C PHE C 36 8.47 -12.16 13.71
N SER C 37 8.54 -12.96 14.76
CA SER C 37 7.72 -14.16 14.84
C SER C 37 6.23 -13.90 15.08
N THR C 38 5.91 -12.80 15.74
CA THR C 38 4.52 -12.45 15.99
C THR C 38 4.15 -11.15 15.27
N PHE C 39 4.63 -11.02 14.04
CA PHE C 39 4.40 -9.84 13.19
C PHE C 39 2.93 -9.44 13.14
N GLU C 40 2.06 -10.42 12.84
CA GLU C 40 0.63 -10.14 12.73
C GLU C 40 -0.02 -9.63 14.02
N GLN C 41 0.37 -10.20 15.16
CA GLN C 41 -0.18 -9.75 16.43
C GLN C 41 0.30 -8.34 16.74
N PHE C 42 1.54 -8.05 16.36
CA PHE C 42 2.11 -6.74 16.63
C PHE C 42 1.40 -5.72 15.76
N LYS C 43 1.26 -6.04 14.49
CA LYS C 43 0.61 -5.18 13.50
C LYS C 43 -0.81 -4.79 13.94
N ALA C 44 -1.51 -5.73 14.56
CA ALA C 44 -2.87 -5.48 15.02
C ALA C 44 -2.88 -4.38 16.07
N ILE C 45 -1.74 -4.19 16.75
CA ILE C 45 -1.62 -3.17 17.78
C ILE C 45 -1.04 -1.88 17.20
N ASN C 46 0.05 -2.02 16.46
CA ASN C 46 0.72 -0.89 15.83
C ASN C 46 1.08 -1.28 14.39
N PRO C 47 0.31 -0.78 13.41
CA PRO C 47 0.51 -1.06 11.99
C PRO C 47 1.95 -0.96 11.49
N VAL C 48 2.71 -0.03 12.05
CA VAL C 48 4.10 0.18 11.65
C VAL C 48 5.05 -0.95 12.10
N VAL C 49 4.61 -1.71 13.09
CA VAL C 49 5.38 -2.83 13.64
C VAL C 49 6.81 -2.47 14.04
N LYS C 50 6.91 -1.59 15.03
CA LYS C 50 8.19 -1.13 15.59
C LYS C 50 8.11 -1.32 17.10
N ALA C 51 9.16 -1.86 17.67
CA ALA C 51 9.24 -2.09 19.11
C ALA C 51 10.38 -1.22 19.67
N PRO C 52 10.16 -0.58 20.82
CA PRO C 52 8.95 -0.63 21.64
C PRO C 52 7.77 0.20 21.13
N THR C 53 6.58 -0.27 21.46
CA THR C 53 5.35 0.42 21.14
C THR C 53 4.71 0.64 22.51
N LEU C 54 4.23 1.84 22.77
CA LEU C 54 3.58 2.10 24.05
C LEU C 54 2.11 2.39 23.78
N VAL C 55 1.22 1.70 24.47
CA VAL C 55 -0.21 1.93 24.32
C VAL C 55 -0.61 2.72 25.55
N CYS C 56 -1.15 3.91 25.32
CA CYS C 56 -1.59 4.79 26.40
C CYS C 56 -2.95 4.37 26.94
N GLU C 57 -3.25 4.83 28.14
CA GLU C 57 -4.51 4.49 28.80
C GLU C 57 -5.73 4.83 27.95
N GLY C 58 -5.61 5.87 27.13
CA GLY C 58 -6.71 6.24 26.25
C GLY C 58 -6.70 5.33 25.03
N GLY C 59 -5.58 4.69 24.77
CA GLY C 59 -5.49 3.79 23.62
C GLY C 59 -4.55 4.29 22.54
N GLU C 60 -4.00 5.48 22.72
CA GLU C 60 -3.09 6.06 21.75
C GLU C 60 -1.81 5.24 21.67
N VAL C 61 -1.30 5.07 20.46
CA VAL C 61 -0.09 4.30 20.21
C VAL C 61 1.10 5.19 19.92
N LEU C 62 2.21 4.97 20.65
CA LEU C 62 3.45 5.73 20.47
C LEU C 62 4.61 4.80 20.18
N MET C 63 5.59 5.28 19.39
CA MET C 63 6.77 4.49 19.07
C MET C 63 8.03 5.35 19.21
N ASP C 64 9.20 4.71 19.07
CA ASP C 64 10.50 5.37 19.24
C ASP C 64 10.76 5.54 20.74
N SER C 65 11.75 4.82 21.25
CA SER C 65 12.03 4.86 22.68
C SER C 65 12.22 6.25 23.28
N SER C 66 12.91 7.14 22.58
CA SER C 66 13.11 8.49 23.10
C SER C 66 11.80 9.27 23.20
N LEU C 67 10.93 9.15 22.20
CA LEU C 67 9.66 9.86 22.22
C LEU C 67 8.75 9.28 23.32
N ILE C 68 8.76 7.96 23.48
CA ILE C 68 7.95 7.32 24.51
C ILE C 68 8.41 7.83 25.89
N ILE C 69 9.72 7.88 26.08
CA ILE C 69 10.25 8.34 27.37
C ILE C 69 9.93 9.83 27.61
N ASP C 70 9.88 10.62 26.53
CA ASP C 70 9.53 12.03 26.66
C ASP C 70 8.10 12.08 27.21
N TYR C 71 7.23 11.28 26.62
CA TYR C 71 5.84 11.22 27.07
C TYR C 71 5.79 10.78 28.52
N LEU C 72 6.54 9.74 28.84
CA LEU C 72 6.55 9.22 30.21
C LEU C 72 7.03 10.27 31.21
N GLU C 73 8.03 11.05 30.81
CA GLU C 73 8.58 12.10 31.66
C GLU C 73 7.51 13.13 31.98
N THR C 74 6.72 13.48 30.97
CA THR C 74 5.65 14.47 31.13
C THR C 74 4.54 13.89 32.01
N LEU C 75 4.22 12.63 31.79
CA LEU C 75 3.18 11.97 32.55
C LEU C 75 3.57 11.83 34.02
N ALA C 76 4.87 11.65 34.28
CA ALA C 76 5.37 11.48 35.64
C ALA C 76 5.55 12.78 36.45
N GLY C 77 5.87 13.88 35.76
CA GLY C 77 6.07 15.14 36.46
C GLY C 77 7.54 15.41 36.73
N PRO C 78 7.95 16.68 36.82
CA PRO C 78 9.36 17.05 37.07
C PRO C 78 10.03 16.44 38.31
N GLN C 79 9.26 16.18 39.36
CA GLN C 79 9.82 15.63 40.58
C GLN C 79 10.44 14.26 40.34
N ARG C 80 9.94 13.55 39.33
CA ARG C 80 10.43 12.21 39.05
C ARG C 80 11.34 12.05 37.85
N SER C 81 11.67 13.16 37.20
CA SER C 81 12.51 13.15 36.02
C SER C 81 13.81 12.35 36.14
N LEU C 82 14.16 11.66 35.06
CA LEU C 82 15.39 10.88 34.98
C LEU C 82 16.48 11.70 34.31
N MET C 83 16.15 12.95 33.97
CA MET C 83 17.07 13.86 33.29
C MET C 83 17.43 15.11 34.12
N PRO C 84 18.69 15.57 34.06
CA PRO C 84 19.09 16.78 34.82
C PRO C 84 18.47 17.97 34.07
N THR C 85 18.12 19.04 34.78
CA THR C 85 17.52 20.21 34.14
C THR C 85 18.52 21.34 33.90
N ALA C 86 19.57 21.40 34.71
CA ALA C 86 20.60 22.42 34.56
C ALA C 86 21.24 22.15 33.21
N LEU C 87 21.44 23.22 32.43
CA LEU C 87 21.98 23.10 31.09
C LEU C 87 23.28 22.27 30.93
N PRO C 88 24.33 22.55 31.73
CA PRO C 88 25.56 21.76 31.57
C PRO C 88 25.37 20.28 31.86
N GLN C 89 24.63 19.96 32.91
CA GLN C 89 24.38 18.56 33.26
C GLN C 89 23.46 17.86 32.26
N ARG C 90 22.48 18.58 31.73
CA ARG C 90 21.56 17.98 30.77
C ARG C 90 22.28 17.74 29.45
N LEU C 91 23.16 18.66 29.11
CA LEU C 91 23.94 18.55 27.89
C LEU C 91 24.79 17.27 27.95
N ARG C 92 25.46 17.06 29.08
CA ARG C 92 26.29 15.87 29.24
C ARG C 92 25.43 14.60 29.21
N GLU C 93 24.30 14.65 29.92
CA GLU C 93 23.40 13.51 29.97
C GLU C 93 22.95 13.17 28.54
N LEU C 94 22.60 14.18 27.76
CA LEU C 94 22.16 13.96 26.39
C LEU C 94 23.26 13.39 25.53
N ARG C 95 24.50 13.78 25.80
CA ARG C 95 25.63 13.26 25.02
C ARG C 95 25.80 11.77 25.31
N LEU C 96 25.78 11.43 26.59
CA LEU C 96 25.93 10.03 27.02
C LEU C 96 24.84 9.15 26.43
N VAL C 97 23.58 9.57 26.58
CA VAL C 97 22.47 8.79 26.03
C VAL C 97 22.65 8.65 24.51
N GLY C 98 23.03 9.75 23.87
CA GLY C 98 23.23 9.71 22.44
C GLY C 98 24.27 8.68 22.04
N LEU C 99 25.39 8.65 22.77
CA LEU C 99 26.44 7.69 22.47
C LEU C 99 25.93 6.26 22.71
N ALA C 100 25.16 6.09 23.78
CA ALA C 100 24.61 4.78 24.11
C ALA C 100 23.63 4.32 23.03
N LEU C 101 22.76 5.20 22.59
CA LEU C 101 21.80 4.85 21.54
C LEU C 101 22.53 4.56 20.23
N ALA C 102 23.62 5.27 19.99
CA ALA C 102 24.40 5.05 18.77
C ALA C 102 24.94 3.62 18.82
N ALA C 103 25.44 3.23 20.00
CA ALA C 103 25.97 1.88 20.16
C ALA C 103 24.86 0.85 19.93
N CYS C 104 23.66 1.14 20.43
CA CYS C 104 22.53 0.23 20.24
C CYS C 104 22.22 0.08 18.76
N GLU C 105 22.15 1.22 18.08
CA GLU C 105 21.85 1.23 16.65
C GLU C 105 22.85 0.41 15.84
N LYS C 106 24.14 0.60 16.08
CA LYS C 106 25.15 -0.13 15.34
C LYS C 106 25.11 -1.62 15.68
N SER C 107 24.87 -1.94 16.95
CA SER C 107 24.78 -3.32 17.40
C SER C 107 23.63 -3.99 16.64
N VAL C 108 22.48 -3.33 16.63
CA VAL C 108 21.31 -3.86 15.93
C VAL C 108 21.56 -3.99 14.42
N GLN C 109 22.24 -3.00 13.83
CA GLN C 109 22.52 -3.09 12.39
C GLN C 109 23.38 -4.31 12.10
N ILE C 110 24.32 -4.62 12.99
CA ILE C 110 25.18 -5.78 12.81
C ILE C 110 24.32 -7.05 12.91
N VAL C 111 23.48 -7.14 13.94
CA VAL C 111 22.60 -8.30 14.14
C VAL C 111 21.70 -8.51 12.92
N TYR C 112 21.09 -7.42 12.45
CA TYR C 112 20.20 -7.47 11.30
C TYR C 112 20.91 -7.95 10.02
N GLU C 113 22.13 -7.45 9.80
CA GLU C 113 22.90 -7.84 8.63
C GLU C 113 23.24 -9.32 8.68
N ARG C 114 23.45 -9.82 9.89
CA ARG C 114 23.81 -11.22 10.08
C ARG C 114 22.64 -12.20 10.15
N ASN C 115 21.44 -11.71 10.50
CA ASN C 115 20.30 -12.61 10.64
C ASN C 115 19.11 -12.48 9.72
N LEU C 116 18.93 -11.32 9.10
CA LEU C 116 17.77 -11.14 8.24
C LEU C 116 18.01 -11.41 6.75
N ARG C 117 19.19 -11.97 6.44
CA ARG C 117 19.52 -12.32 5.06
C ARG C 117 20.56 -13.44 5.05
N PRO C 118 20.66 -14.16 3.92
CA PRO C 118 21.62 -15.26 3.80
C PRO C 118 23.05 -14.76 3.96
N ALA C 119 23.92 -15.59 4.51
CA ALA C 119 25.32 -15.22 4.72
C ALA C 119 26.02 -14.79 3.43
N GLU C 120 25.64 -15.38 2.31
CA GLU C 120 26.25 -15.02 1.04
C GLU C 120 25.92 -13.58 0.64
N LYS C 121 24.88 -13.02 1.23
CA LYS C 121 24.48 -11.65 0.92
C LYS C 121 25.04 -10.61 1.87
N GLN C 122 25.77 -11.06 2.89
CA GLN C 122 26.38 -10.13 3.84
C GLN C 122 27.37 -9.27 3.07
N HIS C 123 27.43 -8.00 3.42
CA HIS C 123 28.30 -7.05 2.74
C HIS C 123 29.40 -6.56 3.68
N GLY C 124 30.60 -7.09 3.47
CA GLY C 124 31.75 -6.74 4.30
C GLY C 124 32.00 -5.27 4.57
N PRO C 125 32.00 -4.43 3.52
CA PRO C 125 32.24 -2.98 3.71
C PRO C 125 31.24 -2.31 4.65
N TRP C 126 30.00 -2.78 4.63
CA TRP C 126 28.96 -2.24 5.48
C TRP C 126 29.22 -2.63 6.93
N LEU C 127 29.58 -3.89 7.15
CA LEU C 127 29.89 -4.38 8.49
C LEU C 127 31.12 -3.71 9.09
N GLU C 128 32.14 -3.49 8.28
CA GLU C 128 33.34 -2.82 8.76
C GLU C 128 32.96 -1.41 9.18
N ARG C 129 32.11 -0.77 8.39
CA ARG C 129 31.68 0.59 8.69
C ARG C 129 30.95 0.70 10.03
N VAL C 130 29.88 -0.08 10.19
CA VAL C 130 29.11 -0.05 11.42
C VAL C 130 29.95 -0.57 12.60
N GLY C 131 30.85 -1.50 12.31
CA GLY C 131 31.71 -2.04 13.35
C GLY C 131 32.60 -0.95 13.90
N GLY C 132 33.13 -0.12 12.99
CA GLY C 132 33.98 0.97 13.40
C GLY C 132 33.20 2.00 14.20
N GLN C 133 31.97 2.27 13.80
CA GLN C 133 31.14 3.25 14.51
C GLN C 133 30.82 2.78 15.92
N LEU C 134 30.61 1.47 16.07
CA LEU C 134 30.31 0.88 17.38
C LEU C 134 31.49 1.10 18.31
N GLN C 135 32.68 0.75 17.81
CA GLN C 135 33.91 0.92 18.56
C GLN C 135 34.08 2.37 18.96
N ALA C 136 33.78 3.26 18.02
CA ALA C 136 33.88 4.70 18.25
C ALA C 136 32.95 5.14 19.40
N ALA C 137 31.70 4.68 19.32
CA ALA C 137 30.69 5.03 20.32
C ALA C 137 31.12 4.64 21.74
N TYR C 138 31.56 3.39 21.92
CA TYR C 138 31.98 2.95 23.24
C TYR C 138 33.29 3.62 23.66
N GLY C 139 34.11 3.99 22.67
CA GLY C 139 35.36 4.67 22.97
C GLY C 139 35.09 6.06 23.52
N GLU C 140 34.13 6.76 22.92
CA GLU C 140 33.76 8.09 23.39
C GLU C 140 33.15 7.98 24.78
N LEU C 141 32.32 6.96 24.97
CA LEU C 141 31.68 6.74 26.27
C LEU C 141 32.72 6.48 27.34
N GLU C 142 33.71 5.66 26.99
CA GLU C 142 34.78 5.33 27.93
C GLU C 142 35.49 6.62 28.37
N GLN C 143 35.81 7.49 27.42
CA GLN C 143 36.49 8.74 27.76
C GLN C 143 35.66 9.59 28.71
N GLU C 144 34.36 9.67 28.44
CA GLU C 144 33.46 10.46 29.27
C GLU C 144 33.44 9.95 30.70
N LEU C 145 33.33 8.64 30.85
CA LEU C 145 33.31 8.02 32.17
C LEU C 145 34.64 8.14 32.92
N GLN C 146 35.74 8.08 32.17
CA GLN C 146 37.07 8.20 32.78
C GLN C 146 37.25 9.62 33.31
N LYS C 147 36.74 10.59 32.55
CA LYS C 147 36.82 12.00 32.92
C LYS C 147 35.91 12.34 34.10
N GLN C 148 34.70 11.79 34.11
CA GLN C 148 33.73 12.04 35.18
C GLN C 148 32.89 10.80 35.43
N PRO C 149 33.31 9.95 36.38
CA PRO C 149 32.59 8.71 36.72
C PRO C 149 31.13 8.91 37.06
N LEU C 150 30.30 7.93 36.69
CA LEU C 150 28.88 8.00 36.99
C LEU C 150 28.66 7.62 38.44
N PRO C 151 27.63 8.20 39.07
CA PRO C 151 27.35 7.88 40.47
C PRO C 151 26.82 6.46 40.70
N ARG C 152 27.25 5.87 41.82
CA ARG C 152 26.79 4.54 42.19
C ARG C 152 26.11 4.64 43.55
N ASP C 153 24.87 5.15 43.55
CA ASP C 153 24.09 5.34 44.77
C ASP C 153 22.78 4.57 44.81
N GLY C 154 22.54 3.73 43.81
CA GLY C 154 21.31 2.97 43.79
C GLY C 154 20.21 3.62 42.98
N SER C 155 20.41 4.89 42.62
CA SER C 155 19.41 5.60 41.80
C SER C 155 20.02 5.71 40.41
N LEU C 156 19.17 5.96 39.41
CA LEU C 156 19.62 6.05 38.03
C LEU C 156 19.03 7.22 37.25
N GLY C 157 19.80 7.69 36.27
CA GLY C 157 19.34 8.74 35.39
C GLY C 157 19.21 8.08 34.02
N GLN C 158 18.72 8.81 33.02
CA GLN C 158 18.56 8.20 31.69
C GLN C 158 19.87 7.71 31.08
N ALA C 159 20.95 8.45 31.27
CA ALA C 159 22.25 8.08 30.74
C ALA C 159 22.68 6.74 31.34
N GLY C 160 22.47 6.60 32.64
CA GLY C 160 22.85 5.37 33.32
C GLY C 160 22.06 4.17 32.81
N ILE C 161 20.75 4.34 32.71
CA ILE C 161 19.87 3.27 32.23
C ILE C 161 20.24 2.87 30.81
N SER C 162 20.40 3.87 29.94
CA SER C 162 20.70 3.64 28.54
C SER C 162 22.06 2.99 28.30
N LEU C 163 23.08 3.45 29.01
CA LEU C 163 24.42 2.90 28.88
C LEU C 163 24.47 1.42 29.27
N ALA C 164 23.89 1.10 30.43
CA ALA C 164 23.88 -0.27 30.92
C ALA C 164 23.12 -1.21 29.97
N VAL C 165 21.93 -0.81 29.55
CA VAL C 165 21.14 -1.63 28.65
C VAL C 165 21.89 -1.84 27.34
N ALA C 166 22.56 -0.79 26.88
CA ALA C 166 23.32 -0.85 25.64
C ALA C 166 24.48 -1.85 25.73
N TRP C 167 25.32 -1.67 26.74
CA TRP C 167 26.46 -2.56 26.94
C TRP C 167 26.03 -4.01 27.03
N SER C 168 25.08 -4.28 27.91
CA SER C 168 24.60 -5.63 28.08
C SER C 168 24.06 -6.22 26.78
N PHE C 169 23.39 -5.40 25.98
CA PHE C 169 22.86 -5.86 24.70
C PHE C 169 24.01 -6.19 23.75
N SER C 170 24.99 -5.30 23.66
CA SER C 170 26.13 -5.53 22.78
C SER C 170 26.90 -6.80 23.15
N GLN C 171 26.99 -7.09 24.44
CA GLN C 171 27.71 -8.28 24.89
C GLN C 171 26.94 -9.55 24.62
N MET C 172 25.62 -9.44 24.54
CA MET C 172 24.78 -10.61 24.29
C MET C 172 24.70 -10.92 22.80
N MET C 173 24.48 -9.89 22.00
CA MET C 173 24.32 -10.07 20.56
C MET C 173 25.50 -9.84 19.62
N VAL C 174 26.47 -9.00 20.00
CA VAL C 174 27.64 -8.79 19.14
C VAL C 174 28.94 -8.86 19.95
N ALA C 175 29.02 -9.91 20.76
CA ALA C 175 30.17 -10.15 21.64
C ALA C 175 31.50 -10.21 20.90
N ASP C 176 31.45 -10.59 19.63
CA ASP C 176 32.66 -10.70 18.81
C ASP C 176 33.38 -9.35 18.64
N GLN C 177 32.67 -8.27 18.92
CA GLN C 177 33.22 -6.94 18.76
C GLN C 177 34.12 -6.45 19.91
N PHE C 178 34.27 -7.27 20.95
CA PHE C 178 35.05 -6.83 22.10
C PHE C 178 36.09 -7.83 22.61
N ASN C 179 37.26 -7.32 23.02
CA ASN C 179 38.28 -8.19 23.61
C ASN C 179 38.11 -7.94 25.13
N PRO C 180 38.69 -8.81 25.98
CA PRO C 180 38.58 -8.67 27.43
C PRO C 180 38.86 -7.33 28.10
N GLY C 181 39.91 -6.64 27.69
CA GLY C 181 40.24 -5.38 28.34
C GLY C 181 39.60 -4.11 27.84
N GLN C 182 38.77 -4.21 26.81
CA GLN C 182 38.14 -3.02 26.24
C GLN C 182 37.05 -2.35 27.07
N PHE C 183 37.08 -1.02 27.07
CA PHE C 183 36.08 -0.19 27.76
C PHE C 183 35.81 -0.62 29.20
N PRO C 184 36.85 -0.65 30.05
CA PRO C 184 36.63 -1.07 31.44
C PRO C 184 35.65 -0.24 32.26
N ALA C 185 35.65 1.08 32.07
CA ALA C 185 34.74 1.94 32.83
C ALA C 185 33.31 1.65 32.41
N VAL C 186 33.08 1.49 31.11
CA VAL C 186 31.74 1.20 30.62
C VAL C 186 31.30 -0.18 31.12
N ARG C 187 32.16 -1.18 30.96
CA ARG C 187 31.83 -2.51 31.44
C ARG C 187 31.51 -2.46 32.94
N GLY C 188 32.38 -1.81 33.70
CA GLY C 188 32.18 -1.70 35.14
C GLY C 188 30.86 -1.07 35.55
N PHE C 189 30.46 0.05 34.94
CA PHE C 189 29.21 0.67 35.34
C PHE C 189 28.04 -0.23 34.96
N ALA C 190 28.10 -0.84 33.79
CA ALA C 190 27.01 -1.69 33.35
C ALA C 190 26.84 -2.90 34.27
N GLU C 191 27.96 -3.52 34.67
CA GLU C 191 27.87 -4.68 35.54
C GLU C 191 27.40 -4.27 36.93
N TYR C 192 27.63 -3.00 37.30
CA TYR C 192 27.18 -2.48 38.58
C TYR C 192 25.68 -2.26 38.46
N ALA C 193 25.26 -1.66 37.35
CA ALA C 193 23.85 -1.38 37.12
C ALA C 193 23.01 -2.65 37.04
N GLU C 194 23.53 -3.70 36.41
CA GLU C 194 22.78 -4.94 36.28
C GLU C 194 22.44 -5.57 37.64
N GLN C 195 23.17 -5.17 38.68
CA GLN C 195 22.91 -5.69 40.00
C GLN C 195 21.94 -4.87 40.82
N LEU C 196 21.49 -3.75 40.25
CA LEU C 196 20.51 -2.91 40.94
C LEU C 196 19.16 -3.61 40.86
N PRO C 197 18.30 -3.41 41.87
CA PRO C 197 16.98 -4.03 41.91
C PRO C 197 16.15 -3.88 40.63
N VAL C 198 16.11 -2.69 40.06
CA VAL C 198 15.31 -2.46 38.86
C VAL C 198 15.82 -3.24 37.64
N PHE C 199 17.14 -3.41 37.54
CA PHE C 199 17.70 -4.17 36.43
C PHE C 199 17.44 -5.67 36.62
N LEU C 200 17.57 -6.15 37.85
CA LEU C 200 17.32 -7.55 38.13
C LEU C 200 15.85 -7.92 37.92
N ALA C 201 14.97 -6.94 38.09
CA ALA C 201 13.53 -7.16 37.92
C ALA C 201 13.06 -6.96 36.48
N THR C 202 13.98 -6.54 35.61
CA THR C 202 13.65 -6.31 34.22
C THR C 202 14.71 -7.01 33.38
N PRO C 203 14.77 -8.36 33.47
CA PRO C 203 15.76 -9.14 32.73
C PRO C 203 15.61 -9.02 31.21
N ALA C 204 16.74 -9.06 30.51
CA ALA C 204 16.74 -8.96 29.06
C ALA C 204 16.11 -10.23 28.48
N THR C 205 16.37 -11.36 29.13
CA THR C 205 15.80 -12.63 28.71
C THR C 205 15.29 -13.38 29.93
N GLU C 206 14.47 -14.39 29.66
CA GLU C 206 13.87 -15.22 30.69
C GLU C 206 14.98 -16.00 31.39
N GLY C 207 14.89 -16.09 32.71
CA GLY C 207 15.92 -16.84 33.43
C GLY C 207 15.71 -18.34 33.26
N HIS C 208 16.40 -19.14 34.08
CA HIS C 208 16.26 -20.58 33.98
C HIS C 208 15.44 -21.23 35.07
N HIS C 209 15.22 -20.51 36.17
CA HIS C 209 14.43 -21.10 37.26
C HIS C 209 13.01 -20.53 37.38
N HIS C 210 12.05 -21.40 37.67
CA HIS C 210 10.66 -21.00 37.81
C HIS C 210 10.05 -21.77 38.98
N HIS C 211 10.20 -21.21 40.17
CA HIS C 211 9.70 -21.83 41.39
C HIS C 211 8.25 -21.41 41.63
N HIS C 212 7.85 -20.32 40.97
CA HIS C 212 6.51 -19.76 41.09
C HIS C 212 6.20 -19.42 42.55
N SER D 2 -21.99 10.91 -35.13
CA SER D 2 -21.05 9.79 -35.44
C SER D 2 -20.51 9.21 -34.12
N LEU D 3 -19.71 8.16 -34.21
CA LEU D 3 -19.15 7.50 -33.02
C LEU D 3 -18.47 8.41 -31.99
N LYS D 4 -18.86 8.26 -30.72
CA LYS D 4 -18.25 9.03 -29.64
C LYS D 4 -17.82 8.14 -28.49
N LEU D 5 -16.59 8.36 -28.01
CA LEU D 5 -16.06 7.61 -26.88
C LEU D 5 -16.06 8.58 -25.71
N ILE D 6 -16.75 8.21 -24.63
CA ILE D 6 -16.84 9.04 -23.44
C ILE D 6 -16.02 8.42 -22.31
N GLY D 7 -15.07 9.18 -21.75
CA GLY D 7 -14.26 8.67 -20.66
C GLY D 7 -12.82 9.17 -20.76
N MET D 8 -12.10 9.18 -19.63
CA MET D 8 -10.72 9.63 -19.62
C MET D 8 -9.75 8.49 -19.95
N LEU D 9 -8.73 8.82 -20.73
CA LEU D 9 -7.74 7.82 -21.16
C LEU D 9 -6.85 7.24 -20.06
N ASP D 10 -6.91 7.81 -18.86
CA ASP D 10 -6.09 7.31 -17.77
C ASP D 10 -6.74 6.05 -17.16
N SER D 11 -7.88 5.67 -17.72
CA SER D 11 -8.60 4.47 -17.32
C SER D 11 -8.16 3.43 -18.35
N PRO D 12 -7.69 2.26 -17.89
CA PRO D 12 -7.25 1.26 -18.88
C PRO D 12 -8.39 0.75 -19.77
N TYR D 13 -9.60 0.80 -19.24
CA TYR D 13 -10.77 0.34 -19.99
C TYR D 13 -11.12 1.32 -21.11
N VAL D 14 -10.96 2.61 -20.84
CA VAL D 14 -11.24 3.60 -21.87
C VAL D 14 -10.13 3.54 -22.91
N ARG D 15 -8.89 3.45 -22.44
CA ARG D 15 -7.75 3.44 -23.35
C ARG D 15 -7.71 2.24 -24.29
N ARG D 16 -8.05 1.06 -23.79
CA ARG D 16 -8.05 -0.12 -24.66
C ARG D 16 -9.09 0.03 -25.77
N VAL D 17 -10.18 0.75 -25.49
CA VAL D 17 -11.22 0.96 -26.48
C VAL D 17 -10.72 1.98 -27.52
N ALA D 18 -10.05 3.04 -27.04
CA ALA D 18 -9.54 4.08 -27.93
C ALA D 18 -8.52 3.51 -28.92
N ILE D 19 -7.56 2.75 -28.39
CA ILE D 19 -6.54 2.15 -29.25
C ILE D 19 -7.18 1.12 -30.19
N SER D 20 -8.20 0.41 -29.70
CA SER D 20 -8.90 -0.56 -30.53
C SER D 20 -9.62 0.13 -31.68
N LEU D 21 -10.24 1.27 -31.38
CA LEU D 21 -10.95 2.07 -32.38
C LEU D 21 -9.99 2.49 -33.50
N LYS D 22 -8.83 3.01 -33.11
CA LYS D 22 -7.84 3.44 -34.08
C LYS D 22 -7.27 2.27 -34.84
N SER D 23 -7.05 1.16 -34.13
CA SER D 23 -6.49 -0.04 -34.74
C SER D 23 -7.45 -0.68 -35.75
N LEU D 24 -8.75 -0.48 -35.54
CA LEU D 24 -9.76 -1.01 -36.45
C LEU D 24 -10.02 -0.04 -37.60
N GLY D 25 -9.46 1.16 -37.49
CA GLY D 25 -9.62 2.16 -38.52
C GLY D 25 -10.96 2.86 -38.50
N LEU D 26 -11.58 2.95 -37.33
CA LEU D 26 -12.89 3.58 -37.20
C LEU D 26 -12.77 5.00 -36.65
N PRO D 27 -13.26 5.99 -37.40
CA PRO D 27 -13.17 7.36 -36.90
C PRO D 27 -14.14 7.57 -35.74
N PHE D 28 -13.78 8.46 -34.83
CA PHE D 28 -14.64 8.72 -33.67
C PHE D 28 -14.27 10.03 -33.00
N GLU D 29 -15.15 10.52 -32.15
CA GLU D 29 -14.88 11.75 -31.41
C GLU D 29 -14.69 11.35 -29.96
N HIS D 30 -13.73 11.98 -29.30
CA HIS D 30 -13.44 11.65 -27.91
C HIS D 30 -13.83 12.76 -26.93
N HIS D 31 -14.63 12.39 -25.92
CA HIS D 31 -15.05 13.34 -24.90
C HIS D 31 -14.41 12.84 -23.60
N SER D 32 -13.34 13.50 -23.18
CA SER D 32 -12.62 13.11 -21.96
C SER D 32 -13.40 13.66 -20.78
N LEU D 33 -14.33 12.85 -20.28
CA LEU D 33 -15.19 13.25 -19.18
C LEU D 33 -15.02 12.35 -17.95
N SER D 34 -14.83 12.96 -16.78
CA SER D 34 -14.66 12.19 -15.55
C SER D 34 -16.00 11.70 -15.01
N VAL D 35 -15.97 10.59 -14.28
CA VAL D 35 -17.18 10.02 -13.68
C VAL D 35 -17.32 10.52 -12.25
N PHE D 36 -16.36 11.33 -11.81
CA PHE D 36 -16.39 11.85 -10.45
C PHE D 36 -16.83 13.32 -10.39
N SER D 37 -15.91 14.25 -10.64
CA SER D 37 -16.25 15.66 -10.59
C SER D 37 -17.34 16.06 -11.58
N THR D 38 -17.38 15.40 -12.74
CA THR D 38 -18.39 15.70 -13.75
C THR D 38 -19.43 14.58 -13.84
N PHE D 39 -19.79 14.05 -12.66
CA PHE D 39 -20.76 12.97 -12.54
C PHE D 39 -22.08 13.28 -13.25
N GLU D 40 -22.65 14.46 -12.99
CA GLU D 40 -23.91 14.83 -13.62
C GLU D 40 -23.82 14.92 -15.15
N GLN D 41 -22.73 15.46 -15.66
CA GLN D 41 -22.58 15.56 -17.10
C GLN D 41 -22.54 14.17 -17.73
N PHE D 42 -21.84 13.25 -17.08
CA PHE D 42 -21.74 11.89 -17.58
C PHE D 42 -23.11 11.22 -17.50
N LYS D 43 -23.79 11.40 -16.36
CA LYS D 43 -25.11 10.81 -16.16
C LYS D 43 -26.12 11.23 -17.25
N ALA D 44 -25.95 12.44 -17.79
CA ALA D 44 -26.86 12.92 -18.85
C ALA D 44 -26.63 12.17 -20.16
N ILE D 45 -25.45 11.57 -20.29
CA ILE D 45 -25.09 10.81 -21.48
C ILE D 45 -25.42 9.34 -21.25
N ASN D 46 -25.02 8.83 -20.08
CA ASN D 46 -25.27 7.44 -19.71
C ASN D 46 -25.59 7.44 -18.21
N PRO D 47 -26.89 7.36 -17.85
CA PRO D 47 -27.29 7.35 -16.45
C PRO D 47 -26.64 6.33 -15.53
N VAL D 48 -26.08 5.27 -16.11
CA VAL D 48 -25.42 4.26 -15.27
C VAL D 48 -24.05 4.80 -14.85
N VAL D 49 -23.57 5.79 -15.60
CA VAL D 49 -22.29 6.45 -15.36
C VAL D 49 -21.10 5.49 -15.25
N LYS D 50 -20.81 4.83 -16.37
CA LYS D 50 -19.69 3.91 -16.47
C LYS D 50 -18.83 4.34 -17.63
N ALA D 51 -17.51 4.33 -17.41
CA ALA D 51 -16.56 4.72 -18.44
C ALA D 51 -15.68 3.50 -18.74
N PRO D 52 -15.49 3.19 -20.04
CA PRO D 52 -16.00 3.93 -21.20
C PRO D 52 -17.46 3.68 -21.58
N THR D 53 -18.02 4.69 -22.24
CA THR D 53 -19.36 4.64 -22.78
C THR D 53 -19.16 4.99 -24.24
N LEU D 54 -19.80 4.24 -25.13
CA LEU D 54 -19.70 4.51 -26.54
C LEU D 54 -21.08 4.96 -27.01
N VAL D 55 -21.14 6.11 -27.69
CA VAL D 55 -22.41 6.60 -28.22
C VAL D 55 -22.28 6.29 -29.69
N CYS D 56 -23.20 5.47 -30.20
CA CYS D 56 -23.15 5.08 -31.61
C CYS D 56 -23.71 6.15 -32.52
N GLU D 57 -23.37 6.06 -33.80
CA GLU D 57 -23.81 7.05 -34.79
C GLU D 57 -25.31 7.31 -34.73
N GLY D 58 -26.07 6.30 -34.29
CA GLY D 58 -27.51 6.46 -34.18
C GLY D 58 -27.95 6.95 -32.80
N GLY D 59 -27.01 7.08 -31.89
CA GLY D 59 -27.35 7.57 -30.56
C GLY D 59 -27.45 6.49 -29.48
N GLU D 60 -27.35 5.23 -29.85
CA GLU D 60 -27.44 4.14 -28.87
C GLU D 60 -26.23 4.19 -27.94
N VAL D 61 -26.46 3.86 -26.67
CA VAL D 61 -25.43 3.91 -25.65
C VAL D 61 -24.95 2.53 -25.21
N LEU D 62 -23.64 2.29 -25.31
CA LEU D 62 -23.03 1.02 -24.90
C LEU D 62 -21.99 1.23 -23.82
N MET D 63 -21.81 0.21 -22.98
CA MET D 63 -20.81 0.24 -21.91
C MET D 63 -20.13 -1.12 -21.81
N ASP D 64 -19.10 -1.21 -20.98
CA ASP D 64 -18.30 -2.42 -20.81
C ASP D 64 -17.36 -2.48 -22.01
N SER D 65 -16.06 -2.29 -21.75
CA SER D 65 -15.08 -2.27 -22.82
C SER D 65 -15.10 -3.50 -23.75
N SER D 66 -15.29 -4.68 -23.20
CA SER D 66 -15.32 -5.87 -24.04
C SER D 66 -16.53 -5.90 -24.96
N LEU D 67 -17.69 -5.48 -24.45
CA LEU D 67 -18.88 -5.46 -25.30
C LEU D 67 -18.78 -4.37 -26.36
N ILE D 68 -18.20 -3.24 -25.99
CA ILE D 68 -18.02 -2.14 -26.92
C ILE D 68 -17.12 -2.61 -28.06
N ILE D 69 -16.01 -3.27 -27.71
CA ILE D 69 -15.08 -3.77 -28.71
C ILE D 69 -15.71 -4.83 -29.60
N ASP D 70 -16.67 -5.59 -29.05
CA ASP D 70 -17.36 -6.61 -29.83
C ASP D 70 -18.17 -5.88 -30.91
N TYR D 71 -18.87 -4.82 -30.50
CA TYR D 71 -19.68 -4.03 -31.43
C TYR D 71 -18.78 -3.44 -32.50
N LEU D 72 -17.64 -2.89 -32.08
CA LEU D 72 -16.70 -2.28 -33.01
C LEU D 72 -16.12 -3.26 -34.02
N GLU D 73 -15.84 -4.48 -33.58
CA GLU D 73 -15.30 -5.50 -34.48
C GLU D 73 -16.34 -5.83 -35.55
N THR D 74 -17.60 -5.90 -35.12
CA THR D 74 -18.70 -6.19 -36.03
C THR D 74 -18.88 -5.02 -37.00
N LEU D 75 -18.77 -3.80 -36.49
CA LEU D 75 -18.93 -2.61 -37.30
C LEU D 75 -17.79 -2.47 -38.32
N ALA D 76 -16.58 -2.83 -37.90
CA ALA D 76 -15.41 -2.73 -38.76
C ALA D 76 -15.39 -3.76 -39.90
N GLY D 77 -15.88 -4.96 -39.62
CA GLY D 77 -15.89 -5.99 -40.66
C GLY D 77 -14.85 -7.06 -40.36
N PRO D 78 -15.02 -8.29 -40.88
CA PRO D 78 -14.06 -9.36 -40.62
C PRO D 78 -12.63 -9.07 -41.10
N GLN D 79 -12.51 -8.25 -42.13
CA GLN D 79 -11.21 -7.90 -42.68
C GLN D 79 -10.33 -7.18 -41.67
N ARG D 80 -10.95 -6.44 -40.74
CA ARG D 80 -10.18 -5.66 -39.78
C ARG D 80 -10.02 -6.19 -38.35
N SER D 81 -10.49 -7.39 -38.08
CA SER D 81 -10.41 -7.93 -36.73
C SER D 81 -9.05 -7.84 -36.03
N LEU D 82 -9.09 -7.68 -34.71
CA LEU D 82 -7.89 -7.62 -33.88
C LEU D 82 -7.73 -8.96 -33.16
N MET D 83 -8.63 -9.90 -33.47
CA MET D 83 -8.64 -11.23 -32.87
C MET D 83 -8.36 -12.32 -33.90
N PRO D 84 -7.69 -13.41 -33.48
CA PRO D 84 -7.43 -14.49 -34.45
C PRO D 84 -8.75 -15.26 -34.51
N THR D 85 -9.06 -15.90 -35.63
CA THR D 85 -10.32 -16.63 -35.73
C THR D 85 -10.20 -18.14 -35.50
N ALA D 86 -9.03 -18.70 -35.79
CA ALA D 86 -8.81 -20.13 -35.57
C ALA D 86 -8.87 -20.39 -34.07
N LEU D 87 -9.45 -21.52 -33.68
CA LEU D 87 -9.63 -21.85 -32.27
C LEU D 87 -8.39 -21.78 -31.36
N PRO D 88 -7.29 -22.47 -31.71
CA PRO D 88 -6.09 -22.43 -30.87
C PRO D 88 -5.55 -21.03 -30.62
N GLN D 89 -5.41 -20.27 -31.70
CA GLN D 89 -4.90 -18.91 -31.63
C GLN D 89 -5.87 -17.98 -30.90
N ARG D 90 -7.17 -18.13 -31.17
CA ARG D 90 -8.15 -17.26 -30.52
C ARG D 90 -8.22 -17.61 -29.03
N LEU D 91 -8.07 -18.90 -28.71
CA LEU D 91 -8.10 -19.32 -27.32
C LEU D 91 -6.96 -18.62 -26.58
N ARG D 92 -5.76 -18.71 -27.13
CA ARG D 92 -4.61 -18.06 -26.48
C ARG D 92 -4.87 -16.56 -26.33
N GLU D 93 -5.36 -15.93 -27.38
CA GLU D 93 -5.63 -14.50 -27.33
C GLU D 93 -6.61 -14.18 -26.19
N LEU D 94 -7.69 -14.95 -26.08
CA LEU D 94 -8.67 -14.72 -25.03
C LEU D 94 -8.05 -14.93 -23.64
N ARG D 95 -7.18 -15.91 -23.50
CA ARG D 95 -6.54 -16.12 -22.20
C ARG D 95 -5.69 -14.89 -21.84
N LEU D 96 -4.93 -14.40 -22.81
CA LEU D 96 -4.08 -13.22 -22.58
C LEU D 96 -4.93 -12.00 -22.22
N VAL D 97 -5.97 -11.74 -23.01
CA VAL D 97 -6.83 -10.60 -22.73
C VAL D 97 -7.47 -10.73 -21.33
N GLY D 98 -7.87 -11.95 -20.98
CA GLY D 98 -8.47 -12.16 -19.66
C GLY D 98 -7.53 -11.82 -18.52
N LEU D 99 -6.29 -12.27 -18.62
CA LEU D 99 -5.29 -11.99 -17.59
C LEU D 99 -5.02 -10.49 -17.49
N ALA D 100 -4.97 -9.82 -18.64
CA ALA D 100 -4.71 -8.38 -18.66
C ALA D 100 -5.89 -7.62 -18.04
N LEU D 101 -7.11 -8.06 -18.35
CA LEU D 101 -8.30 -7.42 -17.80
C LEU D 101 -8.35 -7.66 -16.29
N ALA D 102 -7.84 -8.83 -15.87
CA ALA D 102 -7.81 -9.17 -14.45
C ALA D 102 -6.84 -8.23 -13.75
N ALA D 103 -5.71 -7.97 -14.39
CA ALA D 103 -4.72 -7.06 -13.83
C ALA D 103 -5.33 -5.66 -13.73
N CYS D 104 -6.09 -5.26 -14.75
CA CYS D 104 -6.73 -3.96 -14.75
C CYS D 104 -7.71 -3.88 -13.58
N GLU D 105 -8.56 -4.90 -13.48
CA GLU D 105 -9.56 -4.95 -12.42
C GLU D 105 -8.93 -4.79 -11.03
N LYS D 106 -7.95 -5.62 -10.71
CA LYS D 106 -7.30 -5.57 -9.40
C LYS D 106 -6.58 -4.23 -9.17
N SER D 107 -5.94 -3.73 -10.21
CA SER D 107 -5.24 -2.45 -10.11
C SER D 107 -6.26 -1.36 -9.80
N VAL D 108 -7.38 -1.37 -10.51
CA VAL D 108 -8.40 -0.38 -10.27
C VAL D 108 -8.99 -0.54 -8.86
N GLN D 109 -9.10 -1.78 -8.38
CA GLN D 109 -9.65 -2.00 -7.04
C GLN D 109 -8.75 -1.40 -5.96
N ILE D 110 -7.44 -1.50 -6.15
CA ILE D 110 -6.49 -0.94 -5.20
C ILE D 110 -6.60 0.58 -5.24
N VAL D 111 -6.72 1.13 -6.44
CA VAL D 111 -6.84 2.57 -6.60
C VAL D 111 -8.10 3.09 -5.91
N TYR D 112 -9.24 2.43 -6.14
CA TYR D 112 -10.51 2.83 -5.54
C TYR D 112 -10.50 2.72 -4.01
N GLU D 113 -9.90 1.65 -3.49
CA GLU D 113 -9.82 1.46 -2.05
C GLU D 113 -9.01 2.61 -1.43
N ARG D 114 -7.96 3.03 -2.13
CA ARG D 114 -7.08 4.08 -1.65
C ARG D 114 -7.56 5.50 -1.91
N ASN D 115 -8.18 5.71 -3.06
CA ASN D 115 -8.61 7.04 -3.46
C ASN D 115 -10.06 7.48 -3.31
N LEU D 116 -10.99 6.54 -3.14
CA LEU D 116 -12.39 6.93 -3.01
C LEU D 116 -12.95 6.86 -1.59
N ARG D 117 -12.11 6.60 -0.60
CA ARG D 117 -12.60 6.53 0.78
C ARG D 117 -11.59 7.05 1.79
N PRO D 118 -12.09 7.57 2.93
CA PRO D 118 -11.21 8.09 3.97
C PRO D 118 -10.22 7.00 4.38
N ALA D 119 -9.03 7.41 4.79
CA ALA D 119 -8.00 6.46 5.20
C ALA D 119 -8.51 5.50 6.27
N GLU D 120 -9.34 5.99 7.18
CA GLU D 120 -9.89 5.19 8.26
C GLU D 120 -10.80 4.06 7.77
N LYS D 121 -11.34 4.22 6.56
CA LYS D 121 -12.25 3.23 5.99
C LYS D 121 -11.59 2.20 5.07
N GLN D 122 -10.27 2.26 4.95
CA GLN D 122 -9.56 1.33 4.09
C GLN D 122 -9.33 0.04 4.88
N HIS D 123 -9.52 -1.10 4.22
CA HIS D 123 -9.39 -2.41 4.88
C HIS D 123 -8.20 -3.22 4.36
N GLY D 124 -7.19 -3.36 5.20
CA GLY D 124 -6.00 -4.10 4.83
C GLY D 124 -6.16 -5.48 4.24
N PRO D 125 -6.99 -6.35 4.83
CA PRO D 125 -7.18 -7.71 4.28
C PRO D 125 -7.71 -7.73 2.84
N TRP D 126 -8.53 -6.74 2.51
CA TRP D 126 -9.10 -6.63 1.18
C TRP D 126 -7.96 -6.27 0.22
N LEU D 127 -7.17 -5.27 0.60
CA LEU D 127 -6.04 -4.87 -0.22
C LEU D 127 -5.03 -6.02 -0.40
N GLU D 128 -4.80 -6.78 0.66
CA GLU D 128 -3.87 -7.90 0.60
C GLU D 128 -4.39 -8.94 -0.39
N ARG D 129 -5.69 -9.18 -0.37
CA ARG D 129 -6.29 -10.15 -1.29
C ARG D 129 -6.12 -9.72 -2.75
N VAL D 130 -6.55 -8.51 -3.06
CA VAL D 130 -6.46 -7.97 -4.41
C VAL D 130 -5.00 -7.88 -4.87
N GLY D 131 -4.13 -7.47 -3.96
CA GLY D 131 -2.72 -7.36 -4.30
C GLY D 131 -2.16 -8.70 -4.74
N GLY D 132 -2.58 -9.76 -4.06
CA GLY D 132 -2.10 -11.08 -4.40
C GLY D 132 -2.60 -11.51 -5.76
N GLN D 133 -3.87 -11.22 -6.03
CA GLN D 133 -4.46 -11.55 -7.32
C GLN D 133 -3.76 -10.80 -8.44
N LEU D 134 -3.40 -9.55 -8.16
CA LEU D 134 -2.71 -8.72 -9.15
C LEU D 134 -1.36 -9.33 -9.51
N GLN D 135 -0.63 -9.77 -8.49
CA GLN D 135 0.67 -10.39 -8.70
C GLN D 135 0.51 -11.69 -9.47
N ALA D 136 -0.57 -12.40 -9.18
CA ALA D 136 -0.85 -13.68 -9.84
C ALA D 136 -1.14 -13.47 -11.31
N ALA D 137 -1.97 -12.49 -11.62
CA ALA D 137 -2.32 -12.19 -13.01
C ALA D 137 -1.06 -11.92 -13.86
N TYR D 138 -0.19 -11.03 -13.40
CA TYR D 138 1.02 -10.72 -14.15
C TYR D 138 1.99 -11.89 -14.16
N GLY D 139 1.91 -12.74 -13.14
CA GLY D 139 2.77 -13.91 -13.09
C GLY D 139 2.37 -14.86 -14.21
N GLU D 140 1.06 -15.06 -14.39
CA GLU D 140 0.55 -15.93 -15.45
C GLU D 140 0.91 -15.37 -16.82
N LEU D 141 0.72 -14.07 -17.00
CA LEU D 141 1.04 -13.41 -18.26
C LEU D 141 2.52 -13.61 -18.56
N GLU D 142 3.35 -13.44 -17.54
CA GLU D 142 4.79 -13.61 -17.71
C GLU D 142 5.14 -15.02 -18.21
N GLN D 143 4.54 -16.04 -17.60
CA GLN D 143 4.82 -17.41 -18.02
C GLN D 143 4.36 -17.63 -19.45
N GLU D 144 3.21 -17.06 -19.80
CA GLU D 144 2.66 -17.19 -21.14
C GLU D 144 3.59 -16.59 -22.18
N LEU D 145 4.07 -15.38 -21.91
CA LEU D 145 4.97 -14.69 -22.83
C LEU D 145 6.35 -15.34 -22.92
N GLN D 146 6.81 -15.92 -21.82
CA GLN D 146 8.10 -16.60 -21.81
C GLN D 146 8.02 -17.81 -22.73
N LYS D 147 6.92 -18.55 -22.61
CA LYS D 147 6.67 -19.74 -23.41
C LYS D 147 6.55 -19.44 -24.90
N GLN D 148 5.75 -18.44 -25.23
CA GLN D 148 5.54 -18.05 -26.63
C GLN D 148 5.46 -16.53 -26.70
N PRO D 149 6.55 -15.87 -27.13
CA PRO D 149 6.59 -14.41 -27.24
C PRO D 149 5.58 -13.81 -28.20
N LEU D 150 5.14 -12.58 -27.90
CA LEU D 150 4.20 -11.88 -28.76
C LEU D 150 4.98 -11.27 -29.90
N PRO D 151 4.39 -11.26 -31.10
CA PRO D 151 5.10 -10.67 -32.24
C PRO D 151 5.30 -9.17 -32.08
N ARG D 152 6.40 -8.67 -32.63
CA ARG D 152 6.70 -7.25 -32.58
C ARG D 152 6.90 -6.78 -34.02
N ASP D 153 5.81 -6.74 -34.78
CA ASP D 153 5.91 -6.35 -36.18
C ASP D 153 5.18 -5.09 -36.62
N GLY D 154 4.81 -4.23 -35.68
CA GLY D 154 4.14 -2.99 -36.05
C GLY D 154 2.63 -2.96 -35.91
N SER D 155 1.98 -4.12 -36.07
CA SER D 155 0.53 -4.17 -35.94
C SER D 155 0.20 -4.79 -34.58
N LEU D 156 -1.05 -4.64 -34.15
CA LEU D 156 -1.44 -5.15 -32.85
C LEU D 156 -2.68 -5.99 -32.85
N GLY D 157 -2.76 -6.90 -31.87
CA GLY D 157 -3.92 -7.73 -31.68
C GLY D 157 -4.55 -7.25 -30.39
N GLN D 158 -5.68 -7.82 -29.99
CA GLN D 158 -6.33 -7.38 -28.76
C GLN D 158 -5.51 -7.73 -27.51
N ALA D 159 -4.80 -8.85 -27.56
CA ALA D 159 -3.98 -9.24 -26.41
C ALA D 159 -2.86 -8.20 -26.21
N GLY D 160 -2.22 -7.81 -27.30
CA GLY D 160 -1.14 -6.84 -27.21
C GLY D 160 -1.63 -5.50 -26.71
N ILE D 161 -2.74 -5.03 -27.26
CA ILE D 161 -3.30 -3.76 -26.84
C ILE D 161 -3.68 -3.79 -25.37
N SER D 162 -4.43 -4.82 -24.97
CA SER D 162 -4.87 -4.92 -23.58
C SER D 162 -3.74 -5.14 -22.57
N LEU D 163 -2.76 -5.96 -22.94
CA LEU D 163 -1.64 -6.23 -22.05
C LEU D 163 -0.84 -4.95 -21.79
N ALA D 164 -0.49 -4.24 -22.86
CA ALA D 164 0.28 -3.02 -22.74
C ALA D 164 -0.47 -1.93 -21.96
N VAL D 165 -1.75 -1.73 -22.29
CA VAL D 165 -2.55 -0.73 -21.59
C VAL D 165 -2.61 -1.05 -20.09
N ALA D 166 -2.71 -2.34 -19.76
CA ALA D 166 -2.77 -2.78 -18.36
C ALA D 166 -1.46 -2.51 -17.62
N TRP D 167 -0.37 -3.00 -18.17
CA TRP D 167 0.94 -2.81 -17.54
C TRP D 167 1.23 -1.35 -17.25
N SER D 168 1.05 -0.49 -18.26
CA SER D 168 1.33 0.92 -18.06
C SER D 168 0.44 1.54 -16.98
N PHE D 169 -0.84 1.15 -16.96
CA PHE D 169 -1.75 1.68 -15.96
C PHE D 169 -1.28 1.26 -14.57
N SER D 170 -0.92 -0.01 -14.42
CA SER D 170 -0.46 -0.51 -13.13
C SER D 170 0.78 0.25 -12.67
N GLN D 171 1.70 0.53 -13.59
CA GLN D 171 2.91 1.26 -13.23
C GLN D 171 2.62 2.71 -12.88
N MET D 172 1.59 3.26 -13.50
CA MET D 172 1.21 4.65 -13.28
C MET D 172 0.45 4.86 -11.97
N MET D 173 -0.40 3.90 -11.59
CA MET D 173 -1.20 4.08 -10.39
C MET D 173 -0.98 3.14 -9.20
N VAL D 174 -0.30 2.01 -9.41
CA VAL D 174 -0.03 1.10 -8.30
C VAL D 174 1.42 0.61 -8.42
N ALA D 175 2.34 1.55 -8.54
CA ALA D 175 3.75 1.23 -8.69
C ALA D 175 4.37 0.51 -7.50
N ASP D 176 3.90 0.83 -6.28
CA ASP D 176 4.42 0.21 -5.06
C ASP D 176 4.26 -1.31 -5.05
N GLN D 177 3.42 -1.82 -5.94
CA GLN D 177 3.17 -3.24 -6.01
C GLN D 177 4.22 -3.98 -6.84
N PHE D 178 5.16 -3.25 -7.42
CA PHE D 178 6.18 -3.87 -8.27
C PHE D 178 7.63 -3.50 -7.95
N ASN D 179 8.54 -4.44 -8.22
CA ASN D 179 9.97 -4.26 -8.03
C ASN D 179 10.52 -4.16 -9.45
N PRO D 180 11.67 -3.51 -9.65
CA PRO D 180 12.23 -3.39 -11.00
C PRO D 180 12.43 -4.68 -11.79
N GLY D 181 12.79 -5.77 -11.12
CA GLY D 181 13.03 -7.01 -11.82
C GLY D 181 11.83 -7.90 -12.16
N GLN D 182 10.66 -7.55 -11.64
CA GLN D 182 9.47 -8.36 -11.89
C GLN D 182 8.87 -8.28 -13.29
N PHE D 183 8.43 -9.45 -13.78
CA PHE D 183 7.77 -9.57 -15.07
C PHE D 183 8.48 -8.89 -16.23
N PRO D 184 9.74 -9.28 -16.50
CA PRO D 184 10.50 -8.67 -17.60
C PRO D 184 9.87 -8.78 -18.99
N ALA D 185 9.25 -9.91 -19.29
CA ALA D 185 8.65 -10.09 -20.60
C ALA D 185 7.42 -9.20 -20.75
N VAL D 186 6.62 -9.08 -19.69
CA VAL D 186 5.43 -8.25 -19.75
C VAL D 186 5.86 -6.80 -19.90
N ARG D 187 6.78 -6.37 -19.04
CA ARG D 187 7.29 -5.01 -19.09
C ARG D 187 7.89 -4.71 -20.46
N GLY D 188 8.66 -5.66 -20.98
CA GLY D 188 9.28 -5.48 -22.29
C GLY D 188 8.30 -5.27 -23.43
N PHE D 189 7.26 -6.07 -23.51
CA PHE D 189 6.32 -5.90 -24.60
C PHE D 189 5.58 -4.58 -24.43
N ALA D 190 5.15 -4.30 -23.21
CA ALA D 190 4.43 -3.06 -22.96
C ALA D 190 5.29 -1.87 -23.37
N GLU D 191 6.56 -1.87 -22.96
CA GLU D 191 7.43 -0.76 -23.31
C GLU D 191 7.66 -0.64 -24.80
N TYR D 192 7.59 -1.76 -25.49
CA TYR D 192 7.75 -1.78 -26.95
C TYR D 192 6.47 -1.18 -27.53
N ALA D 193 5.33 -1.68 -27.08
CA ALA D 193 4.03 -1.23 -27.56
C ALA D 193 3.78 0.27 -27.35
N GLU D 194 4.26 0.81 -26.24
CA GLU D 194 4.05 2.23 -25.96
C GLU D 194 4.74 3.14 -26.99
N GLN D 195 5.73 2.60 -27.70
CA GLN D 195 6.43 3.42 -28.68
C GLN D 195 5.87 3.26 -30.10
N LEU D 196 4.80 2.48 -30.23
CA LEU D 196 4.15 2.30 -31.53
C LEU D 196 3.32 3.55 -31.78
N PRO D 197 3.14 3.92 -33.06
CA PRO D 197 2.35 5.10 -33.42
C PRO D 197 0.97 5.23 -32.75
N VAL D 198 0.19 4.15 -32.76
CA VAL D 198 -1.15 4.21 -32.17
C VAL D 198 -1.15 4.46 -30.65
N PHE D 199 -0.13 3.94 -29.95
CA PHE D 199 -0.05 4.16 -28.50
C PHE D 199 0.41 5.59 -28.20
N LEU D 200 1.35 6.09 -29.02
CA LEU D 200 1.85 7.45 -28.84
C LEU D 200 0.76 8.48 -29.11
N ALA D 201 -0.15 8.16 -30.04
CA ALA D 201 -1.25 9.06 -30.40
C ALA D 201 -2.40 8.96 -29.41
N THR D 202 -2.29 8.06 -28.44
CA THR D 202 -3.33 7.86 -27.44
C THR D 202 -2.70 7.78 -26.04
N PRO D 203 -2.15 8.90 -25.55
CA PRO D 203 -1.53 8.91 -24.23
C PRO D 203 -2.53 8.74 -23.10
N ALA D 204 -2.06 8.11 -22.03
CA ALA D 204 -2.91 7.87 -20.86
C ALA D 204 -3.22 9.18 -20.14
N THR D 205 -2.36 10.19 -20.31
CA THR D 205 -2.54 11.49 -19.67
C THR D 205 -2.10 12.61 -20.59
N GLU D 206 -2.66 13.80 -20.39
CA GLU D 206 -2.30 14.96 -21.22
C GLU D 206 -1.53 15.99 -20.40
#